data_6CQB
#
_entry.id   6CQB
#
_cell.length_a   50.910
_cell.length_b   120.570
_cell.length_c   125.408
_cell.angle_alpha   90.00
_cell.angle_beta   90.00
_cell.angle_gamma   90.00
#
_symmetry.space_group_name_H-M   'P 21 21 21'
#
loop_
_entity.id
_entity.type
_entity.pdbx_description
1 polymer 'Chalcone synthase'
2 water water
#
_entity_poly.entity_id   1
_entity_poly.type   'polypeptide(L)'
_entity_poly.pdbx_seq_one_letter_code
;MSKTVEEIWAAQRARGPATVLAIGTAAPANVVYQADYPDYYFRITKSEHMTELKEKFRRMCDKSMITKRHMHLSEELLKN
NPDICAYMAPSLDARQDMVVVEVPKLGKEAAAKAIKEWGRPKSAITHLIFCTTSGVDMPGADFQLTKLLGLCPSVRRTML
YQQGCFAGGTVLRLAKDLAENNAGARVLVVCSEITAVTFRGPSETHLDSMVGQALFGDGASAIIVGADPDPVIERPLFQI
VSAAQTILPDSDGAIDGHLREVGLTFHLLKDVPGLISKNIEKSLKEAFAPLGIDDWNSIFWIVHPGGPAILDQVEAKLRL
KVEKLKTTRTVLSEYGNMSSACVLFILDEMRRNSMEEGKATTGEGLHWGVLFGFGPGLTVETVVLHSLPIAEAN
;
_entity_poly.pdbx_strand_id   A,B
#
# COMPACT_ATOMS: atom_id res chain seq x y z
N ALA A 10 6.98 -25.78 6.16
CA ALA A 10 7.72 -27.04 6.25
C ALA A 10 9.00 -26.98 5.42
N ALA A 11 8.86 -26.61 4.15
CA ALA A 11 10.02 -26.52 3.27
C ALA A 11 9.99 -25.29 2.36
N GLN A 12 9.05 -24.37 2.56
CA GLN A 12 8.93 -23.23 1.66
C GLN A 12 9.93 -22.12 1.96
N ARG A 13 10.50 -22.10 3.15
CA ARG A 13 11.27 -20.96 3.62
C ARG A 13 12.75 -21.15 3.32
N ALA A 14 13.46 -20.03 3.16
CA ALA A 14 14.86 -20.02 2.79
C ALA A 14 15.73 -20.41 3.99
N ARG A 15 17.04 -20.30 3.83
CA ARG A 15 18.00 -20.68 4.86
C ARG A 15 18.76 -19.51 5.46
N GLY A 16 19.12 -18.53 4.64
CA GLY A 16 19.94 -17.43 5.09
C GLY A 16 19.17 -16.12 5.14
N PRO A 17 19.89 -15.02 5.36
CA PRO A 17 19.24 -13.72 5.46
C PRO A 17 18.98 -13.10 4.11
N ALA A 18 17.91 -12.29 4.05
CA ALA A 18 17.61 -11.55 2.84
C ALA A 18 18.80 -10.69 2.44
N THR A 19 19.07 -10.64 1.14
CA THR A 19 20.27 -9.97 0.64
C THR A 19 19.92 -9.18 -0.61
N VAL A 20 20.16 -7.88 -0.58
CA VAL A 20 20.05 -7.05 -1.78
C VAL A 20 21.22 -7.38 -2.70
N LEU A 21 20.91 -7.86 -3.89
CA LEU A 21 21.93 -8.34 -4.82
C LEU A 21 22.25 -7.36 -5.93
N ALA A 22 21.30 -6.53 -6.34
CA ALA A 22 21.54 -5.57 -7.42
C ALA A 22 20.87 -4.25 -7.08
N ILE A 23 21.34 -3.19 -7.74
CA ILE A 23 20.82 -1.85 -7.54
C ILE A 23 20.77 -1.14 -8.90
N GLY A 24 19.63 -0.54 -9.20
CA GLY A 24 19.48 0.25 -10.41
C GLY A 24 18.90 1.61 -10.10
N THR A 25 19.29 2.60 -10.91
CA THR A 25 18.84 3.97 -10.73
C THR A 25 18.42 4.58 -12.06
N ALA A 26 17.46 5.50 -12.00
CA ALA A 26 16.98 6.21 -13.18
C ALA A 26 16.31 7.50 -12.71
N ALA A 27 16.26 8.48 -13.60
CA ALA A 27 15.70 9.78 -13.27
C ALA A 27 15.22 10.44 -14.56
N PRO A 28 14.27 11.36 -14.47
CA PRO A 28 13.81 12.08 -15.67
C PRO A 28 14.95 12.83 -16.34
N ALA A 29 14.77 13.11 -17.62
CA ALA A 29 15.86 13.67 -18.42
C ALA A 29 16.00 15.17 -18.20
N ASN A 30 14.89 15.88 -18.04
CA ASN A 30 14.93 17.33 -17.89
C ASN A 30 15.56 17.70 -16.56
N VAL A 31 16.70 18.38 -16.61
CA VAL A 31 17.44 18.79 -15.43
C VAL A 31 17.15 20.25 -15.13
N VAL A 32 17.01 20.58 -13.85
CA VAL A 32 16.71 21.93 -13.41
C VAL A 32 17.67 22.28 -12.28
N TYR A 33 18.43 23.35 -12.44
CA TYR A 33 19.46 23.73 -11.49
C TYR A 33 18.89 24.67 -10.43
N GLN A 34 19.51 24.65 -9.25
CA GLN A 34 19.04 25.46 -8.14
C GLN A 34 19.50 26.91 -8.25
N ALA A 35 20.68 27.14 -8.84
CA ALA A 35 21.18 28.51 -8.99
C ALA A 35 20.21 29.38 -9.77
N ASP A 36 19.47 28.79 -10.71
CA ASP A 36 18.48 29.51 -11.49
C ASP A 36 17.05 29.27 -11.00
N TYR A 37 16.86 28.37 -10.03
CA TYR A 37 15.50 27.96 -9.69
C TYR A 37 14.70 29.06 -9.01
N PRO A 38 15.20 29.74 -7.98
CA PRO A 38 14.38 30.75 -7.32
C PRO A 38 13.75 31.74 -8.28
N ASP A 39 14.46 32.09 -9.35
CA ASP A 39 13.90 32.96 -10.38
C ASP A 39 12.94 32.19 -11.28
N TYR A 40 13.44 31.13 -11.93
CA TYR A 40 12.63 30.33 -12.84
C TYR A 40 11.29 29.96 -12.22
N TYR A 41 11.28 29.55 -10.95
CA TYR A 41 10.04 29.10 -10.33
C TYR A 41 8.98 30.21 -10.35
N PHE A 42 9.34 31.41 -9.89
CA PHE A 42 8.40 32.51 -9.87
C PHE A 42 8.07 32.99 -11.29
N ARG A 43 9.04 32.90 -12.20
CA ARG A 43 8.87 33.43 -13.55
C ARG A 43 8.03 32.52 -14.45
N ILE A 44 7.85 31.25 -14.07
CA ILE A 44 6.89 30.40 -14.76
C ILE A 44 5.49 30.53 -14.15
N THR A 45 5.41 30.51 -12.83
CA THR A 45 4.17 30.76 -12.13
C THR A 45 3.58 32.14 -12.45
N LYS A 46 4.41 33.07 -12.90
CA LYS A 46 4.02 34.49 -13.00
C LYS A 46 3.76 35.07 -11.61
N SER A 47 4.87 35.20 -10.86
CA SER A 47 4.81 35.73 -9.51
C SER A 47 5.96 36.69 -9.25
N GLU A 48 6.27 37.53 -10.25
CA GLU A 48 7.31 38.54 -10.05
C GLU A 48 6.92 39.57 -9.01
N HIS A 49 5.62 39.88 -8.91
CA HIS A 49 5.18 40.92 -7.98
C HIS A 49 5.50 40.54 -6.55
N MET A 50 5.49 39.25 -6.23
CA MET A 50 5.84 38.80 -4.90
C MET A 50 7.33 39.01 -4.67
N THR A 51 7.70 40.21 -4.23
CA THR A 51 9.10 40.62 -4.13
C THR A 51 9.83 39.84 -3.05
N GLU A 52 9.47 40.04 -1.78
CA GLU A 52 10.19 39.38 -0.70
C GLU A 52 9.99 37.87 -0.73
N LEU A 53 8.82 37.41 -1.19
CA LEU A 53 8.62 35.97 -1.35
C LEU A 53 9.66 35.36 -2.27
N LYS A 54 10.08 36.10 -3.31
CA LYS A 54 11.16 35.65 -4.17
C LYS A 54 12.50 35.66 -3.46
N GLU A 55 12.69 36.60 -2.52
CA GLU A 55 13.93 36.64 -1.75
C GLU A 55 13.94 35.58 -0.66
N LYS A 56 12.81 35.37 0.00
CA LYS A 56 12.73 34.30 1.00
C LYS A 56 12.92 32.93 0.34
N PHE A 57 12.47 32.78 -0.90
CA PHE A 57 12.64 31.51 -1.59
C PHE A 57 14.06 31.37 -2.12
N ARG A 58 14.65 32.47 -2.61
CA ARG A 58 16.02 32.42 -3.07
C ARG A 58 16.97 32.07 -1.93
N ARG A 59 16.68 32.53 -0.72
N ARG A 59 16.67 32.54 -0.72
CA ARG A 59 17.47 32.11 0.43
CA ARG A 59 17.42 32.13 0.46
C ARG A 59 17.25 30.64 0.77
C ARG A 59 17.27 30.65 0.74
N MET A 60 16.20 30.02 0.25
CA MET A 60 15.92 28.62 0.52
C MET A 60 16.56 27.69 -0.48
N CYS A 61 16.71 28.11 -1.75
CA CYS A 61 17.37 27.30 -2.75
C CYS A 61 18.89 27.32 -2.62
N ASP A 62 19.43 28.10 -1.69
CA ASP A 62 20.82 27.97 -1.29
C ASP A 62 20.96 27.49 0.15
N LYS A 63 19.88 27.50 0.94
CA LYS A 63 19.79 26.58 2.07
C LYS A 63 20.04 25.16 1.60
N SER A 64 19.59 24.87 0.38
CA SER A 64 19.31 23.51 -0.05
C SER A 64 20.51 22.59 0.15
N MET A 65 21.69 23.04 -0.26
CA MET A 65 22.79 22.14 -0.61
C MET A 65 22.43 21.28 -1.81
N ILE A 66 21.46 21.76 -2.60
CA ILE A 66 21.00 21.10 -3.82
C ILE A 66 21.57 21.85 -5.01
N THR A 67 22.08 21.11 -5.99
CA THR A 67 22.60 21.70 -7.22
C THR A 67 21.63 21.52 -8.38
N LYS A 68 21.38 20.27 -8.78
CA LYS A 68 20.45 19.96 -9.84
C LYS A 68 19.34 19.05 -9.32
N ARG A 69 18.20 19.08 -10.01
CA ARG A 69 17.12 18.12 -9.80
C ARG A 69 16.47 17.82 -11.14
N HIS A 70 15.86 16.64 -11.22
CA HIS A 70 15.25 16.16 -12.45
C HIS A 70 13.74 16.26 -12.35
N MET A 71 13.12 16.85 -13.36
CA MET A 71 11.69 17.13 -13.35
C MET A 71 11.09 16.68 -14.67
N HIS A 72 10.17 15.71 -14.62
CA HIS A 72 9.37 15.41 -15.80
C HIS A 72 8.56 16.62 -16.23
N LEU A 73 8.19 17.48 -15.28
CA LEU A 73 7.52 18.75 -15.58
C LEU A 73 8.58 19.70 -16.14
N SER A 74 8.61 19.83 -17.46
CA SER A 74 9.61 20.66 -18.12
C SER A 74 9.07 22.07 -18.35
N GLU A 75 9.89 22.89 -19.01
CA GLU A 75 9.48 24.25 -19.32
C GLU A 75 8.28 24.26 -20.25
N GLU A 76 8.34 23.48 -21.33
CA GLU A 76 7.23 23.42 -22.28
C GLU A 76 5.93 22.98 -21.61
N LEU A 77 6.00 21.97 -20.73
CA LEU A 77 4.80 21.36 -20.21
C LEU A 77 4.12 22.17 -19.11
N LEU A 78 4.79 23.18 -18.54
CA LEU A 78 4.18 23.98 -17.50
C LEU A 78 3.41 25.17 -18.05
N LYS A 79 3.49 25.41 -19.36
CA LYS A 79 2.76 26.49 -19.99
C LYS A 79 1.51 26.00 -20.72
N ASN A 80 1.30 24.69 -20.80
CA ASN A 80 0.03 24.12 -21.20
C ASN A 80 -0.75 23.59 -20.02
N ASN A 81 -0.24 23.79 -18.80
CA ASN A 81 -0.94 23.42 -17.56
C ASN A 81 -0.81 24.58 -16.60
N PRO A 82 -1.58 25.65 -16.80
CA PRO A 82 -1.44 26.84 -15.94
C PRO A 82 -1.93 26.62 -14.52
N ASP A 83 -2.74 25.60 -14.26
CA ASP A 83 -3.30 25.38 -12.94
C ASP A 83 -2.46 24.46 -12.07
N ILE A 84 -1.36 23.93 -12.60
CA ILE A 84 -0.33 23.35 -11.76
C ILE A 84 0.66 24.40 -11.25
N CYS A 85 0.71 25.56 -11.92
CA CYS A 85 1.58 26.66 -11.52
C CYS A 85 0.89 27.65 -10.59
N ALA A 86 -0.37 27.41 -10.23
CA ALA A 86 -1.06 28.25 -9.27
C ALA A 86 -0.98 27.62 -7.87
N TYR A 87 -1.16 28.46 -6.86
CA TYR A 87 -1.06 27.99 -5.49
C TYR A 87 -2.20 27.03 -5.16
N MET A 88 -3.44 27.51 -5.28
CA MET A 88 -4.62 26.72 -4.93
C MET A 88 -5.58 26.78 -6.12
N ALA A 89 -5.31 25.94 -7.12
CA ALA A 89 -6.16 25.81 -8.30
C ALA A 89 -6.40 24.33 -8.58
N PRO A 90 -7.62 23.95 -8.93
CA PRO A 90 -7.93 22.53 -9.14
C PRO A 90 -7.05 21.94 -10.23
N SER A 91 -6.40 20.82 -9.90
CA SER A 91 -5.53 20.17 -10.91
C SER A 91 -5.21 18.72 -10.57
N LEU A 92 -6.01 18.04 -9.75
CA LEU A 92 -5.79 16.62 -9.50
C LEU A 92 -5.81 15.83 -10.80
N ASP A 93 -6.70 16.20 -11.72
CA ASP A 93 -6.80 15.51 -13.01
C ASP A 93 -5.57 15.81 -13.86
N ALA A 94 -5.20 17.09 -13.97
CA ALA A 94 -3.99 17.43 -14.71
C ALA A 94 -2.77 16.74 -14.12
N ARG A 95 -2.76 16.52 -12.81
CA ARG A 95 -1.63 15.86 -12.16
C ARG A 95 -1.64 14.35 -12.41
N GLN A 96 -2.75 13.68 -12.10
CA GLN A 96 -2.74 12.23 -12.13
C GLN A 96 -2.67 11.70 -13.56
N ASP A 97 -3.36 12.35 -14.49
CA ASP A 97 -3.25 11.97 -15.90
C ASP A 97 -1.78 11.90 -16.32
N MET A 98 -0.97 12.86 -15.88
CA MET A 98 0.45 12.85 -16.17
C MET A 98 1.16 11.69 -15.49
N VAL A 99 1.03 11.58 -14.16
CA VAL A 99 1.89 10.71 -13.37
C VAL A 99 1.34 9.31 -13.17
N VAL A 100 0.07 9.06 -13.50
CA VAL A 100 -0.43 7.69 -13.50
C VAL A 100 0.34 6.86 -14.53
N VAL A 101 0.77 7.49 -15.62
CA VAL A 101 1.51 6.79 -16.67
C VAL A 101 3.02 6.83 -16.43
N GLU A 102 3.53 7.97 -15.95
CA GLU A 102 4.97 8.18 -15.92
C GLU A 102 5.68 7.51 -14.75
N VAL A 103 4.99 7.23 -13.65
CA VAL A 103 5.66 6.63 -12.50
C VAL A 103 6.10 5.21 -12.84
N PRO A 104 5.24 4.36 -13.41
CA PRO A 104 5.72 3.01 -13.75
C PRO A 104 6.68 3.01 -14.94
N LYS A 105 6.56 3.99 -15.84
CA LYS A 105 7.49 4.08 -16.96
C LYS A 105 8.91 4.35 -16.46
N LEU A 106 9.08 5.39 -15.64
CA LEU A 106 10.39 5.62 -15.03
C LEU A 106 10.77 4.49 -14.10
N GLY A 107 9.77 3.79 -13.53
CA GLY A 107 10.07 2.58 -12.78
C GLY A 107 10.70 1.51 -13.65
N LYS A 108 10.20 1.37 -14.88
CA LYS A 108 10.81 0.42 -15.82
C LYS A 108 12.26 0.77 -16.08
N GLU A 109 12.56 2.07 -16.25
CA GLU A 109 13.94 2.46 -16.52
C GLU A 109 14.86 2.02 -15.39
N ALA A 110 14.39 2.10 -14.14
CA ALA A 110 15.21 1.69 -13.01
C ALA A 110 15.23 0.17 -12.87
N ALA A 111 14.06 -0.47 -12.97
CA ALA A 111 13.98 -1.92 -12.81
C ALA A 111 14.89 -2.65 -13.80
N ALA A 112 14.88 -2.23 -15.06
CA ALA A 112 15.66 -2.92 -16.08
C ALA A 112 17.15 -2.84 -15.77
N LYS A 113 17.60 -1.74 -15.18
CA LYS A 113 19.02 -1.55 -14.89
C LYS A 113 19.48 -2.41 -13.72
N ALA A 114 18.57 -2.82 -12.84
CA ALA A 114 18.92 -3.78 -11.79
C ALA A 114 18.94 -5.20 -12.35
N ILE A 115 17.93 -5.55 -13.15
CA ILE A 115 17.89 -6.86 -13.80
C ILE A 115 19.14 -7.06 -14.63
N LYS A 116 19.63 -5.99 -15.26
CA LYS A 116 20.85 -6.08 -16.06
C LYS A 116 22.04 -6.48 -15.21
N GLU A 117 22.32 -5.71 -14.15
CA GLU A 117 23.44 -6.03 -13.27
C GLU A 117 23.26 -7.38 -12.58
N TRP A 118 22.01 -7.74 -12.27
CA TRP A 118 21.73 -9.02 -11.65
C TRP A 118 22.10 -10.17 -12.59
N GLY A 119 21.62 -10.13 -13.83
CA GLY A 119 22.11 -11.02 -14.86
C GLY A 119 21.38 -12.33 -15.00
N ARG A 120 20.19 -12.47 -14.43
CA ARG A 120 19.42 -13.70 -14.53
C ARG A 120 18.11 -13.45 -15.27
N PRO A 121 17.38 -14.49 -15.66
CA PRO A 121 16.14 -14.29 -16.42
C PRO A 121 15.13 -13.49 -15.60
N LYS A 122 14.46 -12.55 -16.27
CA LYS A 122 13.41 -11.78 -15.62
C LYS A 122 12.28 -12.66 -15.11
N SER A 123 12.09 -13.84 -15.71
CA SER A 123 11.09 -14.79 -15.25
C SER A 123 11.39 -15.35 -13.87
N ALA A 124 12.58 -15.12 -13.34
CA ALA A 124 12.97 -15.65 -12.03
C ALA A 124 12.55 -14.74 -10.89
N ILE A 125 11.90 -13.61 -11.17
CA ILE A 125 11.43 -12.72 -10.11
C ILE A 125 10.10 -13.24 -9.59
N THR A 126 10.03 -13.46 -8.29
CA THR A 126 8.85 -14.06 -7.66
C THR A 126 7.87 -13.03 -7.12
N HIS A 127 8.36 -11.94 -6.52
CA HIS A 127 7.50 -10.92 -5.94
C HIS A 127 7.89 -9.55 -6.47
N LEU A 128 6.93 -8.63 -6.42
CA LEU A 128 7.17 -7.24 -6.81
C LEU A 128 6.55 -6.31 -5.78
N ILE A 129 7.33 -5.32 -5.35
CA ILE A 129 6.87 -4.29 -4.43
C ILE A 129 7.10 -2.94 -5.08
N PHE A 130 6.01 -2.27 -5.46
CA PHE A 130 6.09 -0.92 -5.99
C PHE A 130 5.65 0.07 -4.91
N CYS A 131 6.45 1.12 -4.73
CA CYS A 131 6.16 2.15 -3.74
C CYS A 131 6.26 3.52 -4.39
N THR A 132 5.23 4.33 -4.21
CA THR A 132 5.23 5.69 -4.74
C THR A 132 4.26 6.54 -3.94
N THR A 133 4.46 7.85 -4.01
CA THR A 133 3.56 8.83 -3.41
C THR A 133 2.96 9.77 -4.45
N SER A 134 3.22 9.53 -5.73
CA SER A 134 2.79 10.41 -6.82
C SER A 134 1.63 9.74 -7.55
N GLY A 135 0.41 10.12 -7.19
CA GLY A 135 -0.76 9.63 -7.88
C GLY A 135 -1.28 8.32 -7.30
N VAL A 136 -2.52 8.01 -7.66
CA VAL A 136 -3.18 6.78 -7.25
C VAL A 136 -4.10 6.34 -8.37
N ASP A 137 -4.10 5.04 -8.66
CA ASP A 137 -4.91 4.51 -9.74
C ASP A 137 -5.31 3.08 -9.45
N MET A 138 -6.33 2.61 -10.17
CA MET A 138 -6.77 1.22 -10.16
C MET A 138 -7.04 0.79 -11.60
N PRO A 139 -6.31 -0.20 -12.13
CA PRO A 139 -5.28 -0.97 -11.45
C PRO A 139 -4.07 -0.12 -11.06
N GLY A 140 -3.29 -0.62 -10.12
CA GLY A 140 -2.18 0.15 -9.60
C GLY A 140 -0.98 0.16 -10.52
N ALA A 141 0.01 0.97 -10.14
CA ALA A 141 1.25 1.05 -10.90
C ALA A 141 2.06 -0.24 -10.84
N ASP A 142 1.76 -1.13 -9.89
CA ASP A 142 2.41 -2.44 -9.89
C ASP A 142 1.94 -3.29 -11.06
N PHE A 143 0.66 -3.21 -11.40
CA PHE A 143 0.16 -3.87 -12.61
C PHE A 143 0.86 -3.32 -13.85
N GLN A 144 1.03 -2.01 -13.92
CA GLN A 144 1.60 -1.40 -15.12
C GLN A 144 3.02 -1.91 -15.39
N LEU A 145 3.83 -2.06 -14.34
CA LEU A 145 5.22 -2.42 -14.56
C LEU A 145 5.43 -3.90 -14.83
N THR A 146 4.48 -4.77 -14.45
CA THR A 146 4.57 -6.17 -14.85
C THR A 146 4.41 -6.31 -16.36
N LYS A 147 3.56 -5.47 -16.96
CA LYS A 147 3.43 -5.48 -18.41
C LYS A 147 4.62 -4.82 -19.07
N LEU A 148 5.08 -3.68 -18.53
CA LEU A 148 6.21 -2.98 -19.11
C LEU A 148 7.45 -3.87 -19.13
N LEU A 149 7.73 -4.54 -18.02
CA LEU A 149 8.88 -5.44 -17.94
C LEU A 149 8.57 -6.81 -18.55
N GLY A 150 7.31 -7.22 -18.54
CA GLY A 150 6.91 -8.52 -19.05
C GLY A 150 7.36 -9.66 -18.15
N LEU A 151 6.88 -9.67 -16.92
CA LEU A 151 7.16 -10.73 -15.97
C LEU A 151 5.99 -11.70 -15.89
N CYS A 152 6.18 -12.77 -15.12
CA CYS A 152 5.16 -13.81 -15.04
C CYS A 152 3.84 -13.21 -14.56
N PRO A 153 2.72 -13.51 -15.22
CA PRO A 153 1.43 -12.98 -14.76
C PRO A 153 1.03 -13.54 -13.40
N SER A 154 1.86 -14.41 -12.83
CA SER A 154 1.65 -14.94 -11.49
C SER A 154 2.57 -14.29 -10.47
N VAL A 155 3.17 -13.15 -10.81
CA VAL A 155 4.05 -12.46 -9.87
C VAL A 155 3.22 -12.04 -8.66
N ARG A 156 3.89 -11.95 -7.51
CA ARG A 156 3.26 -11.54 -6.26
C ARG A 156 3.63 -10.09 -5.99
N ARG A 157 2.64 -9.20 -6.04
CA ARG A 157 2.87 -7.77 -5.97
C ARG A 157 2.34 -7.17 -4.67
N THR A 158 3.05 -6.17 -4.17
CA THR A 158 2.61 -5.34 -3.06
C THR A 158 2.65 -3.89 -3.52
N MET A 159 1.48 -3.26 -3.62
CA MET A 159 1.37 -1.89 -4.11
C MET A 159 1.33 -0.95 -2.91
N LEU A 160 2.41 -0.18 -2.71
CA LEU A 160 2.51 0.76 -1.59
C LEU A 160 2.24 2.16 -2.12
N TYR A 161 0.98 2.56 -2.14
CA TYR A 161 0.55 3.83 -2.69
C TYR A 161 0.43 4.88 -1.58
N GLN A 162 0.92 6.09 -1.87
CA GLN A 162 0.85 7.22 -0.94
C GLN A 162 1.36 6.81 0.45
N GLN A 163 2.68 6.65 0.52
CA GLN A 163 3.33 6.23 1.76
C GLN A 163 4.07 7.37 2.42
N GLY A 164 5.08 7.95 1.77
CA GLY A 164 5.80 9.08 2.29
C GLY A 164 7.30 8.91 2.16
N CYS A 165 8.02 9.91 2.67
CA CYS A 165 9.47 9.89 2.66
C CYS A 165 10.03 8.70 3.43
N PHE A 166 9.27 8.15 4.38
CA PHE A 166 9.75 7.07 5.24
C PHE A 166 9.59 5.69 4.61
N ALA A 167 9.09 5.61 3.37
CA ALA A 167 8.90 4.31 2.72
C ALA A 167 10.19 3.67 2.25
N GLY A 168 11.31 4.39 2.28
CA GLY A 168 12.58 3.82 1.85
C GLY A 168 13.02 2.63 2.66
N GLY A 169 12.50 2.47 3.88
CA GLY A 169 12.84 1.33 4.70
C GLY A 169 11.67 0.39 4.84
N THR A 170 10.47 0.86 4.49
CA THR A 170 9.29 0.00 4.53
C THR A 170 9.40 -1.10 3.49
N VAL A 171 9.99 -0.80 2.33
CA VAL A 171 10.12 -1.80 1.28
C VAL A 171 11.22 -2.79 1.61
N LEU A 172 12.24 -2.37 2.35
CA LEU A 172 13.26 -3.31 2.81
C LEU A 172 12.73 -4.17 3.96
N ARG A 173 11.96 -3.56 4.85
CA ARG A 173 11.29 -4.33 5.90
C ARG A 173 10.31 -5.34 5.31
N LEU A 174 9.69 -5.00 4.18
CA LEU A 174 8.75 -5.91 3.55
C LEU A 174 9.45 -6.95 2.69
N ALA A 175 10.44 -6.53 1.89
CA ALA A 175 11.16 -7.47 1.04
C ALA A 175 11.86 -8.55 1.87
N LYS A 176 12.31 -8.20 3.08
CA LYS A 176 13.00 -9.18 3.91
C LYS A 176 12.09 -10.36 4.25
N ASP A 177 10.84 -10.08 4.62
CA ASP A 177 9.96 -11.15 5.04
C ASP A 177 9.55 -12.04 3.87
N LEU A 178 9.25 -11.43 2.72
CA LEU A 178 8.85 -12.20 1.55
C LEU A 178 9.96 -13.13 1.09
N ALA A 179 11.19 -12.61 1.00
CA ALA A 179 12.29 -13.40 0.46
C ALA A 179 12.71 -14.50 1.43
N GLU A 180 12.76 -14.20 2.73
CA GLU A 180 13.23 -15.19 3.70
C GLU A 180 12.17 -16.24 4.03
N ASN A 181 10.90 -15.96 3.77
CA ASN A 181 9.82 -16.90 4.07
C ASN A 181 9.40 -17.72 2.87
N ASN A 182 10.00 -17.48 1.70
CA ASN A 182 9.74 -18.27 0.50
C ASN A 182 11.08 -18.62 -0.13
N ALA A 183 11.43 -19.91 -0.09
CA ALA A 183 12.77 -20.35 -0.47
C ALA A 183 13.02 -20.14 -1.96
N GLY A 184 14.25 -19.74 -2.29
CA GLY A 184 14.65 -19.48 -3.65
C GLY A 184 13.98 -18.29 -4.30
N ALA A 185 13.06 -17.63 -3.61
CA ALA A 185 12.39 -16.46 -4.17
C ALA A 185 13.38 -15.32 -4.42
N ARG A 186 13.07 -14.51 -5.43
CA ARG A 186 13.79 -13.27 -5.70
C ARG A 186 12.78 -12.15 -5.90
N VAL A 187 12.91 -11.09 -5.10
CA VAL A 187 11.91 -10.03 -5.05
C VAL A 187 12.49 -8.77 -5.68
N LEU A 188 11.74 -8.22 -6.64
CA LEU A 188 12.07 -6.91 -7.21
C LEU A 188 11.21 -5.85 -6.55
N VAL A 189 11.86 -4.76 -6.15
CA VAL A 189 11.20 -3.65 -5.45
C VAL A 189 11.57 -2.37 -6.16
N VAL A 190 10.57 -1.58 -6.53
CA VAL A 190 10.76 -0.39 -7.35
C VAL A 190 10.24 0.82 -6.57
N CYS A 191 11.10 1.83 -6.40
CA CYS A 191 10.72 3.12 -5.86
C CYS A 191 10.78 4.16 -6.97
N SER A 192 9.74 4.97 -7.08
CA SER A 192 9.63 5.93 -8.18
C SER A 192 8.78 7.10 -7.72
N GLU A 193 9.32 8.31 -7.91
CA GLU A 193 8.64 9.55 -7.52
C GLU A 193 8.74 10.58 -8.64
N ILE A 194 7.62 11.25 -8.89
CA ILE A 194 7.56 12.36 -9.85
C ILE A 194 6.90 13.51 -9.12
N THR A 195 7.64 14.61 -8.93
CA THR A 195 7.17 15.77 -8.17
C THR A 195 6.27 16.65 -9.05
N ALA A 196 5.21 16.03 -9.54
CA ALA A 196 4.13 16.73 -10.24
C ALA A 196 2.89 16.90 -9.38
N VAL A 197 2.51 15.86 -8.64
CA VAL A 197 1.45 15.99 -7.63
C VAL A 197 1.79 17.11 -6.65
N THR A 198 3.09 17.34 -6.40
CA THR A 198 3.51 18.33 -5.42
C THR A 198 3.48 19.74 -5.97
N PHE A 199 4.17 19.97 -7.09
CA PHE A 199 4.45 21.31 -7.60
C PHE A 199 3.25 22.24 -7.44
N ARG A 200 3.51 23.42 -6.88
CA ARG A 200 2.47 24.40 -6.62
C ARG A 200 3.06 25.79 -6.83
N GLY A 201 2.19 26.79 -6.78
CA GLY A 201 2.61 28.17 -6.84
C GLY A 201 2.98 28.67 -5.46
N PRO A 202 3.70 29.79 -5.40
CA PRO A 202 4.12 30.32 -4.10
C PRO A 202 2.97 30.98 -3.38
N SER A 203 3.08 31.02 -2.05
CA SER A 203 2.08 31.68 -1.21
C SER A 203 2.74 32.21 0.05
N GLU A 204 2.57 33.50 0.30
CA GLU A 204 3.08 34.11 1.52
C GLU A 204 2.21 33.83 2.74
N THR A 205 1.06 33.21 2.57
CA THR A 205 0.21 32.83 3.69
C THR A 205 0.39 31.38 4.12
N HIS A 206 1.18 30.60 3.38
CA HIS A 206 1.44 29.18 3.68
C HIS A 206 2.87 28.87 3.26
N LEU A 207 3.82 29.37 4.06
CA LEU A 207 5.23 29.15 3.80
C LEU A 207 5.58 27.66 3.75
N ASP A 208 4.69 26.80 4.26
CA ASP A 208 5.00 25.37 4.33
C ASP A 208 5.08 24.74 2.94
N SER A 209 4.30 25.25 1.98
CA SER A 209 4.36 24.72 0.63
C SER A 209 5.67 25.06 -0.08
N MET A 210 6.49 25.93 0.49
CA MET A 210 7.68 26.40 -0.19
C MET A 210 8.94 25.60 0.14
N VAL A 211 8.97 24.92 1.29
CA VAL A 211 10.08 24.02 1.58
C VAL A 211 10.16 22.92 0.53
N GLY A 212 9.02 22.28 0.23
CA GLY A 212 9.01 21.22 -0.77
C GLY A 212 9.38 21.69 -2.16
N GLN A 213 9.09 22.95 -2.48
CA GLN A 213 9.40 23.45 -3.81
C GLN A 213 10.90 23.69 -4.00
N ALA A 214 11.69 23.67 -2.93
CA ALA A 214 13.13 23.84 -3.02
C ALA A 214 13.89 22.56 -2.66
N LEU A 215 13.20 21.46 -2.44
CA LEU A 215 13.83 20.21 -2.03
C LEU A 215 13.45 19.03 -2.89
N PHE A 216 12.20 18.92 -3.31
CA PHE A 216 11.71 17.72 -3.97
C PHE A 216 12.16 17.66 -5.42
N GLY A 217 12.41 16.44 -5.89
CA GLY A 217 12.81 16.23 -7.27
C GLY A 217 12.54 14.81 -7.68
N ASP A 218 12.25 14.62 -8.97
CA ASP A 218 11.85 13.31 -9.46
C ASP A 218 13.00 12.31 -9.42
N GLY A 219 12.64 11.04 -9.38
CA GLY A 219 13.61 9.96 -9.31
C GLY A 219 12.99 8.59 -9.09
N ALA A 220 13.63 7.54 -9.58
CA ALA A 220 13.17 6.18 -9.40
C ALA A 220 14.35 5.28 -9.08
N SER A 221 14.10 4.27 -8.24
CA SER A 221 15.15 3.36 -7.79
C SER A 221 14.58 1.95 -7.66
N ALA A 222 15.44 0.97 -7.91
CA ALA A 222 15.04 -0.43 -7.88
C ALA A 222 16.23 -1.29 -7.47
N ILE A 223 15.93 -2.43 -6.83
CA ILE A 223 16.94 -3.38 -6.40
C ILE A 223 16.36 -4.79 -6.47
N ILE A 224 17.24 -5.78 -6.47
CA ILE A 224 16.85 -7.19 -6.42
C ILE A 224 17.28 -7.73 -5.07
N VAL A 225 16.33 -8.27 -4.32
CA VAL A 225 16.57 -8.78 -2.97
C VAL A 225 16.18 -10.25 -2.93
N GLY A 226 17.07 -11.09 -2.41
CA GLY A 226 16.78 -12.50 -2.28
C GLY A 226 17.61 -13.14 -1.20
N ALA A 227 17.18 -14.32 -0.78
CA ALA A 227 17.89 -15.12 0.21
C ALA A 227 18.57 -16.30 -0.46
N ASP A 228 19.61 -16.81 0.20
CA ASP A 228 20.39 -17.92 -0.32
C ASP A 228 20.95 -17.54 -1.69
N PRO A 229 21.89 -16.61 -1.76
CA PRO A 229 22.44 -16.19 -3.06
C PRO A 229 23.29 -17.28 -3.68
N ASP A 230 22.89 -17.74 -4.86
CA ASP A 230 23.70 -18.70 -5.60
C ASP A 230 25.05 -18.08 -5.93
N PRO A 231 26.15 -18.73 -5.61
CA PRO A 231 27.47 -18.23 -6.05
C PRO A 231 27.57 -18.20 -7.56
N VAL A 232 28.77 -17.91 -8.06
CA VAL A 232 29.11 -17.96 -9.49
C VAL A 232 28.27 -16.95 -10.29
N ILE A 233 26.95 -16.99 -10.14
CA ILE A 233 26.07 -16.12 -10.90
C ILE A 233 25.71 -14.85 -10.13
N GLU A 234 25.44 -14.97 -8.83
CA GLU A 234 24.90 -13.87 -8.05
C GLU A 234 25.96 -13.29 -7.12
N ARG A 235 25.81 -12.00 -6.83
CA ARG A 235 26.77 -11.27 -6.00
C ARG A 235 26.02 -10.48 -4.93
N PRO A 236 26.19 -10.80 -3.65
CA PRO A 236 25.49 -10.04 -2.61
C PRO A 236 26.22 -8.75 -2.28
N LEU A 237 25.46 -7.67 -2.15
CA LEU A 237 26.01 -6.35 -1.81
C LEU A 237 25.81 -6.01 -0.35
N PHE A 238 24.60 -6.16 0.17
CA PHE A 238 24.29 -5.80 1.55
C PHE A 238 23.27 -6.78 2.09
N GLN A 239 23.39 -7.06 3.39
CA GLN A 239 22.45 -7.93 4.09
C GLN A 239 21.49 -7.09 4.92
N ILE A 240 20.22 -7.45 4.88
CA ILE A 240 19.20 -6.82 5.72
C ILE A 240 19.10 -7.63 7.01
N VAL A 241 19.57 -7.05 8.11
CA VAL A 241 19.65 -7.78 9.37
C VAL A 241 18.41 -7.56 10.24
N SER A 242 17.91 -6.33 10.28
CA SER A 242 16.73 -6.02 11.08
C SER A 242 16.14 -4.70 10.61
N ALA A 243 14.87 -4.50 10.93
CA ALA A 243 14.15 -3.30 10.52
C ALA A 243 12.97 -3.07 11.46
N ALA A 244 13.00 -1.98 12.21
CA ALA A 244 11.93 -1.62 13.13
C ALA A 244 11.27 -0.34 12.67
N GLN A 245 10.01 -0.17 13.07
CA GLN A 245 9.21 1.00 12.71
C GLN A 245 8.61 1.59 13.98
N THR A 246 9.03 2.80 14.35
CA THR A 246 8.51 3.48 15.52
C THR A 246 7.97 4.85 15.13
N ILE A 247 7.15 5.41 16.03
CA ILE A 247 6.66 6.77 15.90
C ILE A 247 7.24 7.61 17.02
N LEU A 248 7.62 8.83 16.70
CA LEU A 248 8.28 9.68 17.68
C LEU A 248 7.24 10.28 18.64
N PRO A 249 7.50 10.24 19.95
CA PRO A 249 6.63 10.94 20.89
C PRO A 249 6.67 12.44 20.64
N ASP A 250 5.53 13.10 20.79
CA ASP A 250 5.39 14.52 20.53
C ASP A 250 5.63 14.82 19.04
N SER A 251 4.77 14.23 18.21
CA SER A 251 4.89 14.42 16.76
C SER A 251 3.56 14.57 16.03
N ASP A 252 2.42 14.58 16.74
CA ASP A 252 1.13 14.66 16.06
C ASP A 252 1.03 15.95 15.26
N GLY A 253 1.24 15.85 13.94
CA GLY A 253 1.15 17.00 13.06
C GLY A 253 2.48 17.46 12.49
N ALA A 254 3.60 16.86 12.89
CA ALA A 254 4.90 17.32 12.40
C ALA A 254 4.95 17.28 10.88
N ILE A 255 4.59 16.15 10.29
CA ILE A 255 4.52 16.00 8.84
C ILE A 255 3.09 15.60 8.48
N ASP A 256 2.42 16.43 7.70
CA ASP A 256 1.05 16.18 7.28
C ASP A 256 0.98 16.04 5.76
N GLY A 257 -0.04 15.31 5.31
CA GLY A 257 -0.22 15.08 3.89
C GLY A 257 -1.66 14.87 3.48
N HIS A 258 -2.18 15.76 2.64
CA HIS A 258 -3.57 15.70 2.17
C HIS A 258 -3.55 15.61 0.66
N LEU A 259 -4.21 14.59 0.13
CA LEU A 259 -4.40 14.46 -1.32
C LEU A 259 -5.77 15.04 -1.64
N ARG A 260 -5.78 16.29 -2.09
CA ARG A 260 -7.00 17.00 -2.41
C ARG A 260 -7.12 17.09 -3.94
N GLU A 261 -8.14 17.81 -4.38
CA GLU A 261 -8.30 18.16 -5.77
C GLU A 261 -7.40 19.32 -6.22
N VAL A 262 -6.47 19.74 -5.36
CA VAL A 262 -5.43 20.70 -5.73
C VAL A 262 -4.06 20.05 -5.85
N GLY A 263 -3.95 18.76 -5.49
CA GLY A 263 -2.71 18.03 -5.52
C GLY A 263 -2.42 17.42 -4.17
N LEU A 264 -1.17 17.05 -3.93
CA LEU A 264 -0.75 16.51 -2.64
C LEU A 264 -0.32 17.67 -1.76
N THR A 265 -1.19 18.06 -0.83
CA THR A 265 -0.86 19.14 0.09
C THR A 265 -0.07 18.58 1.27
N PHE A 266 1.02 19.25 1.63
CA PHE A 266 1.90 18.80 2.70
C PHE A 266 2.26 20.01 3.55
N HIS A 267 2.40 19.77 4.85
CA HIS A 267 2.64 20.84 5.81
C HIS A 267 3.72 20.43 6.78
N LEU A 268 4.55 21.40 7.16
CA LEU A 268 5.46 21.25 8.30
C LEU A 268 4.97 22.15 9.43
N LEU A 269 4.87 21.57 10.63
CA LEU A 269 4.42 22.32 11.80
C LEU A 269 5.38 22.23 12.97
N LYS A 270 6.44 21.43 12.86
CA LYS A 270 7.40 21.25 13.94
C LYS A 270 8.81 21.26 13.36
N ASP A 271 9.79 21.36 14.25
CA ASP A 271 11.20 21.28 13.88
C ASP A 271 11.56 19.80 13.75
N VAL A 272 11.20 19.23 12.60
CA VAL A 272 11.35 17.80 12.37
C VAL A 272 12.83 17.42 12.46
N PRO A 273 13.78 18.34 12.21
CA PRO A 273 15.17 18.00 12.53
C PRO A 273 15.37 17.73 14.01
N GLY A 274 14.96 18.65 14.88
CA GLY A 274 15.10 18.41 16.31
C GLY A 274 14.28 17.23 16.79
N LEU A 275 13.12 17.01 16.18
CA LEU A 275 12.30 15.85 16.54
C LEU A 275 13.06 14.55 16.38
N ILE A 276 13.93 14.48 15.38
CA ILE A 276 14.67 13.26 15.08
C ILE A 276 15.92 13.14 15.92
N SER A 277 16.70 14.22 16.02
CA SER A 277 17.93 14.15 16.80
C SER A 277 17.65 14.04 18.29
N LYS A 278 16.49 14.52 18.74
CA LYS A 278 16.08 14.28 20.12
C LYS A 278 15.69 12.83 20.36
N ASN A 279 15.35 12.07 19.31
CA ASN A 279 14.92 10.69 19.46
C ASN A 279 15.77 9.66 18.72
N ILE A 280 16.72 10.08 17.88
CA ILE A 280 17.39 9.12 17.01
C ILE A 280 18.32 8.20 17.78
N GLU A 281 18.70 8.57 19.01
CA GLU A 281 19.50 7.68 19.85
C GLU A 281 18.65 6.59 20.48
N LYS A 282 17.37 6.86 20.72
CA LYS A 282 16.51 5.83 21.30
C LYS A 282 16.31 4.67 20.34
N SER A 283 16.39 4.94 19.04
CA SER A 283 16.34 3.89 18.03
C SER A 283 17.70 3.30 17.73
N LEU A 284 18.78 4.05 17.97
CA LEU A 284 20.11 3.56 17.67
C LEU A 284 20.52 2.42 18.59
N LYS A 285 20.20 2.52 19.88
CA LYS A 285 20.69 1.51 20.82
C LYS A 285 19.91 0.22 20.71
N GLU A 286 18.57 0.29 20.58
CA GLU A 286 17.77 -0.92 20.44
C GLU A 286 18.29 -1.81 19.32
N ALA A 287 18.87 -1.24 18.27
CA ALA A 287 19.35 -2.02 17.14
C ALA A 287 20.75 -2.58 17.36
N PHE A 288 21.63 -1.81 18.01
CA PHE A 288 23.03 -2.18 18.12
C PHE A 288 23.47 -2.59 19.52
N ALA A 289 22.68 -2.30 20.55
CA ALA A 289 23.00 -2.80 21.88
C ALA A 289 23.05 -4.32 21.94
N PRO A 290 22.13 -5.05 21.30
CA PRO A 290 22.25 -6.53 21.27
C PRO A 290 23.43 -7.03 20.47
N LEU A 291 24.23 -6.15 19.88
CA LEU A 291 25.46 -6.52 19.18
C LEU A 291 26.69 -5.89 19.80
N GLY A 292 26.53 -5.16 20.91
CA GLY A 292 27.65 -4.55 21.62
C GLY A 292 28.35 -3.47 20.82
N ILE A 293 27.57 -2.57 20.22
CA ILE A 293 28.11 -1.46 19.45
C ILE A 293 27.50 -0.17 19.99
N ASP A 294 28.36 0.74 20.44
CA ASP A 294 27.94 2.03 20.97
C ASP A 294 28.47 3.18 20.14
N ASP A 295 29.76 3.17 19.80
CA ASP A 295 30.32 4.18 18.92
C ASP A 295 29.61 4.17 17.58
N TRP A 296 28.90 5.25 17.27
CA TRP A 296 28.08 5.30 16.06
C TRP A 296 28.82 5.92 14.87
N ASN A 297 30.13 6.11 14.99
CA ASN A 297 31.01 6.30 13.84
C ASN A 297 31.70 5.01 13.42
N SER A 298 31.48 3.90 14.15
CA SER A 298 31.98 2.58 13.78
C SER A 298 31.11 1.88 12.75
N ILE A 299 29.99 2.48 12.35
CA ILE A 299 29.07 1.90 11.38
C ILE A 299 29.05 2.82 10.16
N PHE A 300 28.58 2.26 9.04
CA PHE A 300 28.32 3.07 7.86
C PHE A 300 26.87 3.52 7.85
N TRP A 301 26.66 4.77 7.43
CA TRP A 301 25.40 5.47 7.60
C TRP A 301 24.73 5.74 6.26
N ILE A 302 23.40 5.61 6.25
CA ILE A 302 22.57 5.99 5.10
C ILE A 302 21.30 6.60 5.65
N VAL A 303 21.08 7.89 5.38
CA VAL A 303 19.95 8.63 5.93
C VAL A 303 19.15 9.25 4.80
N HIS A 304 17.84 9.13 4.88
CA HIS A 304 16.95 9.78 3.93
C HIS A 304 17.13 11.30 3.99
N PRO A 305 17.59 11.94 2.91
CA PRO A 305 17.83 13.40 2.97
C PRO A 305 16.56 14.25 2.80
N GLY A 306 15.76 14.30 3.87
CA GLY A 306 14.61 15.19 3.88
C GLY A 306 14.98 16.65 3.80
N GLY A 307 16.22 16.99 4.14
CA GLY A 307 16.70 18.35 4.11
C GLY A 307 18.03 18.45 4.82
N PRO A 308 18.81 19.48 4.47
CA PRO A 308 20.14 19.62 5.10
C PRO A 308 20.10 19.77 6.60
N ALA A 309 19.01 20.32 7.14
CA ALA A 309 18.93 20.53 8.59
C ALA A 309 18.95 19.21 9.35
N ILE A 310 18.21 18.21 8.85
CA ILE A 310 18.16 16.93 9.56
C ILE A 310 19.52 16.24 9.53
N LEU A 311 20.19 16.27 8.39
CA LEU A 311 21.51 15.64 8.31
C LEU A 311 22.52 16.39 9.18
N ASP A 312 22.39 17.71 9.28
CA ASP A 312 23.31 18.50 10.10
C ASP A 312 23.00 18.36 11.58
N GLN A 313 21.71 18.38 11.94
CA GLN A 313 21.35 18.32 13.36
C GLN A 313 21.54 16.93 13.93
N VAL A 314 21.41 15.89 13.10
CA VAL A 314 21.71 14.54 13.58
C VAL A 314 23.20 14.28 13.53
N GLU A 315 23.92 14.94 12.62
CA GLU A 315 25.37 14.86 12.62
C GLU A 315 25.95 15.48 13.89
N ALA A 316 25.43 16.65 14.28
CA ALA A 316 25.92 17.31 15.49
C ALA A 316 25.43 16.59 16.74
N LYS A 317 24.14 16.27 16.80
CA LYS A 317 23.59 15.57 17.95
C LYS A 317 24.46 14.37 18.35
N LEU A 318 24.98 13.65 17.37
CA LEU A 318 25.75 12.44 17.61
C LEU A 318 27.26 12.65 17.49
N ARG A 319 27.69 13.83 17.03
CA ARG A 319 29.12 14.11 16.85
C ARG A 319 29.72 13.12 15.84
N LEU A 320 29.07 13.00 14.69
CA LEU A 320 29.52 12.11 13.63
C LEU A 320 30.63 12.75 12.81
N LYS A 321 31.49 11.91 12.23
CA LYS A 321 32.52 12.38 11.33
C LYS A 321 31.90 12.89 10.02
N VAL A 322 32.65 13.70 9.30
CA VAL A 322 32.12 14.28 8.05
C VAL A 322 31.91 13.21 6.99
N GLU A 323 32.77 12.20 6.95
CA GLU A 323 32.71 11.22 5.87
C GLU A 323 31.49 10.31 5.97
N LYS A 324 30.85 10.23 7.14
CA LYS A 324 29.79 9.23 7.32
C LYS A 324 28.62 9.51 6.40
N LEU A 325 28.13 10.75 6.39
CA LEU A 325 27.01 11.13 5.54
C LEU A 325 27.46 11.76 4.23
N LYS A 326 28.67 11.43 3.77
CA LYS A 326 29.16 11.97 2.50
C LYS A 326 28.33 11.43 1.34
N THR A 327 28.12 10.11 1.29
CA THR A 327 27.30 9.53 0.24
C THR A 327 25.85 9.99 0.35
N THR A 328 25.38 10.27 1.57
CA THR A 328 24.01 10.74 1.74
C THR A 328 23.82 12.13 1.14
N ARG A 329 24.84 12.99 1.26
CA ARG A 329 24.76 14.34 0.70
C ARG A 329 25.10 14.38 -0.78
N THR A 330 25.87 13.42 -1.27
CA THR A 330 26.20 13.39 -2.70
C THR A 330 24.94 13.17 -3.53
N VAL A 331 24.06 12.27 -3.09
CA VAL A 331 22.83 12.00 -3.83
C VAL A 331 21.90 13.22 -3.78
N LEU A 332 21.75 13.80 -2.59
CA LEU A 332 20.95 15.01 -2.44
C LEU A 332 21.53 16.18 -3.25
N SER A 333 22.81 16.14 -3.60
CA SER A 333 23.42 17.23 -4.35
C SER A 333 23.02 17.19 -5.83
N GLU A 334 23.02 16.02 -6.45
CA GLU A 334 22.73 15.87 -7.88
C GLU A 334 21.35 15.29 -8.14
N TYR A 335 20.43 15.38 -7.18
CA TYR A 335 19.13 14.76 -7.36
C TYR A 335 18.04 15.46 -6.56
N GLY A 336 18.42 16.17 -5.49
CA GLY A 336 17.43 16.70 -4.58
C GLY A 336 16.85 15.61 -3.69
N ASN A 337 15.66 15.91 -3.16
CA ASN A 337 14.95 14.96 -2.30
C ASN A 337 13.97 14.17 -3.16
N MET A 338 14.30 12.91 -3.43
CA MET A 338 13.46 12.04 -4.25
C MET A 338 12.56 11.15 -3.40
N SER A 339 12.20 11.61 -2.20
CA SER A 339 11.24 10.93 -1.33
C SER A 339 11.74 9.50 -1.08
N SER A 340 10.95 8.47 -1.39
CA SER A 340 11.34 7.11 -1.00
C SER A 340 12.52 6.61 -1.82
N ALA A 341 12.54 6.92 -3.12
CA ALA A 341 13.60 6.40 -3.99
C ALA A 341 14.98 6.86 -3.57
N CYS A 342 15.08 7.94 -2.80
CA CYS A 342 16.39 8.55 -2.54
C CYS A 342 17.27 7.65 -1.68
N VAL A 343 16.68 6.97 -0.70
CA VAL A 343 17.47 6.09 0.16
C VAL A 343 18.23 5.07 -0.67
N LEU A 344 17.54 4.40 -1.59
CA LEU A 344 18.19 3.36 -2.39
C LEU A 344 19.28 3.94 -3.28
N PHE A 345 19.12 5.19 -3.74
CA PHE A 345 20.19 5.86 -4.46
C PHE A 345 21.47 5.89 -3.62
N ILE A 346 21.36 6.30 -2.35
CA ILE A 346 22.54 6.45 -1.52
C ILE A 346 23.24 5.11 -1.35
N LEU A 347 22.48 4.04 -1.13
CA LEU A 347 23.10 2.73 -0.98
C LEU A 347 23.84 2.31 -2.25
N ASP A 348 23.42 2.85 -3.40
CA ASP A 348 24.17 2.65 -4.64
C ASP A 348 25.40 3.55 -4.67
N GLU A 349 25.22 4.82 -4.31
CA GLU A 349 26.34 5.76 -4.23
C GLU A 349 27.42 5.28 -3.27
N MET A 350 27.07 4.43 -2.30
CA MET A 350 28.05 3.97 -1.32
C MET A 350 28.84 2.77 -1.84
N ARG A 351 28.16 1.80 -2.46
CA ARG A 351 28.88 0.62 -2.96
C ARG A 351 29.74 0.97 -4.16
N ARG A 352 29.25 1.83 -5.05
CA ARG A 352 30.09 2.29 -6.14
C ARG A 352 31.25 3.13 -5.63
N ASN A 353 31.04 3.83 -4.51
CA ASN A 353 32.13 4.58 -3.90
C ASN A 353 33.15 3.63 -3.28
N SER A 354 32.69 2.58 -2.58
CA SER A 354 33.61 1.66 -1.93
C SER A 354 34.49 0.94 -2.95
N MET A 355 33.89 0.46 -4.05
CA MET A 355 34.66 -0.25 -5.05
C MET A 355 35.80 0.60 -5.59
N GLU A 356 35.50 1.84 -5.99
CA GLU A 356 36.52 2.70 -6.58
C GLU A 356 37.64 3.00 -5.59
N GLU A 357 37.27 3.39 -4.37
CA GLU A 357 38.26 3.78 -3.35
C GLU A 357 38.98 2.59 -2.73
N GLY A 358 38.88 1.39 -3.30
CA GLY A 358 39.61 0.26 -2.77
C GLY A 358 39.22 -0.16 -1.37
N LYS A 359 38.04 0.22 -0.91
CA LYS A 359 37.58 -0.22 0.40
C LYS A 359 37.51 -1.74 0.45
N ALA A 360 37.76 -2.29 1.65
CA ALA A 360 37.67 -3.73 1.85
C ALA A 360 36.23 -4.24 1.91
N THR A 361 35.25 -3.37 2.04
CA THR A 361 33.87 -3.81 2.23
C THR A 361 32.92 -2.76 1.65
N THR A 362 31.81 -3.24 1.08
CA THR A 362 30.81 -2.35 0.49
C THR A 362 30.46 -1.19 1.41
N GLY A 363 30.45 -1.42 2.72
CA GLY A 363 30.06 -0.40 3.66
C GLY A 363 31.16 0.59 4.01
N GLU A 364 31.73 1.24 3.00
CA GLU A 364 32.81 2.21 3.19
C GLU A 364 33.97 1.63 3.99
N GLY A 365 34.10 0.30 4.01
CA GLY A 365 35.12 -0.38 4.76
C GLY A 365 34.65 -0.97 6.08
N LEU A 366 33.54 -0.48 6.62
CA LEU A 366 32.98 -1.00 7.86
C LEU A 366 32.13 -2.24 7.59
N HIS A 367 31.64 -2.86 8.66
CA HIS A 367 30.85 -4.09 8.57
C HIS A 367 29.38 -3.87 8.88
N TRP A 368 29.06 -3.20 9.97
CA TRP A 368 27.67 -2.92 10.32
C TRP A 368 27.31 -1.48 9.92
N GLY A 369 26.01 -1.26 9.74
CA GLY A 369 25.54 0.04 9.28
C GLY A 369 24.07 0.22 9.59
N VAL A 370 23.63 1.47 9.52
CA VAL A 370 22.25 1.83 9.83
C VAL A 370 21.65 2.56 8.63
N LEU A 371 20.36 2.36 8.43
CA LEU A 371 19.60 3.04 7.39
C LEU A 371 18.35 3.63 8.03
N PHE A 372 18.06 4.89 7.71
CA PHE A 372 17.05 5.66 8.42
C PHE A 372 16.09 6.29 7.43
N GLY A 373 14.80 6.18 7.72
CA GLY A 373 13.76 6.82 6.94
C GLY A 373 12.70 7.47 7.81
N PHE A 374 12.41 8.74 7.57
N PHE A 374 12.44 8.74 7.59
CA PHE A 374 11.48 9.50 8.37
CA PHE A 374 11.46 9.50 8.38
C PHE A 374 10.41 10.13 7.48
C PHE A 374 10.41 10.08 7.46
N GLY A 375 9.15 10.04 7.91
CA GLY A 375 8.05 10.58 7.15
C GLY A 375 6.87 10.91 8.04
N PRO A 376 5.69 11.05 7.43
CA PRO A 376 4.48 11.36 8.22
C PRO A 376 4.31 10.43 9.40
N GLY A 377 4.01 11.00 10.57
CA GLY A 377 3.85 10.22 11.77
C GLY A 377 3.83 11.04 13.04
N LEU A 378 4.99 11.52 13.48
CA LEU A 378 6.25 11.31 12.76
C LEU A 378 6.74 9.87 12.89
N THR A 379 6.78 9.16 11.77
CA THR A 379 7.20 7.77 11.74
C THR A 379 8.66 7.66 11.36
N VAL A 380 9.36 6.72 11.99
CA VAL A 380 10.80 6.51 11.75
C VAL A 380 11.00 5.03 11.44
N GLU A 381 11.54 4.76 10.26
CA GLU A 381 11.91 3.40 9.86
C GLU A 381 13.42 3.27 9.98
N THR A 382 13.89 2.31 10.78
CA THR A 382 15.30 2.10 11.04
C THR A 382 15.65 0.67 10.63
N VAL A 383 16.44 0.54 9.56
CA VAL A 383 16.84 -0.76 9.03
C VAL A 383 18.32 -0.96 9.29
N VAL A 384 18.67 -2.12 9.85
CA VAL A 384 20.06 -2.50 10.07
C VAL A 384 20.56 -3.24 8.83
N LEU A 385 21.71 -2.80 8.31
CA LEU A 385 22.35 -3.41 7.16
C LEU A 385 23.71 -3.97 7.56
N HIS A 386 24.17 -4.97 6.80
CA HIS A 386 25.51 -5.50 6.95
C HIS A 386 26.20 -5.48 5.59
N SER A 387 27.48 -5.12 5.58
CA SER A 387 28.23 -4.99 4.34
C SER A 387 28.97 -6.29 4.02
N LEU A 388 29.43 -6.38 2.78
CA LEU A 388 30.13 -7.57 2.30
C LEU A 388 31.44 -7.19 1.63
N PRO A 389 32.39 -8.11 1.61
CA PRO A 389 33.76 -7.77 1.19
C PRO A 389 33.83 -7.41 -0.29
N ILE A 390 34.98 -6.88 -0.66
CA ILE A 390 35.23 -6.32 -2.00
C ILE A 390 34.04 -5.53 -2.51
N ALA B 10 18.21 -15.99 11.79
CA ALA B 10 19.00 -16.86 12.64
C ALA B 10 18.16 -17.46 13.77
N ALA B 11 17.48 -16.58 14.51
CA ALA B 11 16.60 -17.02 15.59
C ALA B 11 15.31 -16.21 15.64
N GLN B 12 15.08 -15.34 14.65
CA GLN B 12 13.92 -14.45 14.61
C GLN B 12 12.67 -15.13 14.04
N ARG B 13 12.81 -16.29 13.42
CA ARG B 13 11.72 -16.89 12.67
C ARG B 13 10.86 -17.78 13.55
N ALA B 14 9.58 -17.88 13.20
CA ALA B 14 8.64 -18.70 13.94
C ALA B 14 8.85 -20.16 13.58
N ARG B 15 7.97 -21.03 14.06
CA ARG B 15 8.09 -22.47 13.82
C ARG B 15 7.00 -23.05 12.94
N GLY B 16 5.75 -22.62 13.11
CA GLY B 16 4.64 -23.19 12.38
C GLY B 16 4.04 -22.25 11.36
N PRO B 17 2.91 -22.65 10.78
CA PRO B 17 2.26 -21.82 9.76
C PRO B 17 1.37 -20.75 10.38
N ALA B 18 1.24 -19.64 9.64
CA ALA B 18 0.34 -18.58 10.08
C ALA B 18 -1.06 -19.15 10.30
N THR B 19 -1.72 -18.67 11.36
CA THR B 19 -3.00 -19.23 11.79
C THR B 19 -3.92 -18.09 12.19
N VAL B 20 -5.10 -18.02 11.57
CA VAL B 20 -6.12 -17.05 11.99
C VAL B 20 -6.65 -17.49 13.34
N LEU B 21 -6.46 -16.64 14.36
CA LEU B 21 -6.83 -16.97 15.73
C LEU B 21 -8.13 -16.30 16.17
N ALA B 22 -8.45 -15.13 15.65
CA ALA B 22 -9.68 -14.44 15.99
C ALA B 22 -10.22 -13.75 14.74
N ILE B 23 -11.51 -13.46 14.76
CA ILE B 23 -12.18 -12.78 13.64
C ILE B 23 -13.19 -11.79 14.20
N GLY B 24 -13.14 -10.56 13.72
CA GLY B 24 -14.12 -9.56 14.08
C GLY B 24 -14.68 -8.86 12.85
N THR B 25 -15.94 -8.48 12.94
CA THR B 25 -16.62 -7.79 11.84
C THR B 25 -17.42 -6.62 12.39
N ALA B 26 -17.60 -5.60 11.56
CA ALA B 26 -18.37 -4.43 11.94
C ALA B 26 -18.81 -3.70 10.67
N ALA B 27 -19.90 -2.94 10.80
CA ALA B 27 -20.47 -2.22 9.68
C ALA B 27 -21.23 -1.02 10.23
N PRO B 28 -21.42 0.01 9.41
CA PRO B 28 -22.17 1.20 9.86
C PRO B 28 -23.56 0.82 10.35
N ALA B 29 -24.13 1.70 11.18
CA ALA B 29 -25.38 1.40 11.85
C ALA B 29 -26.59 1.61 10.93
N ASN B 30 -26.53 2.60 10.06
CA ASN B 30 -27.65 2.89 9.16
C ASN B 30 -27.78 1.76 8.13
N VAL B 31 -28.90 1.05 8.17
CA VAL B 31 -29.17 -0.06 7.26
C VAL B 31 -30.05 0.45 6.14
N VAL B 32 -29.78 -0.02 4.93
CA VAL B 32 -30.52 0.38 3.73
C VAL B 32 -30.86 -0.88 2.95
N TYR B 33 -32.15 -1.09 2.72
CA TYR B 33 -32.63 -2.29 2.06
C TYR B 33 -32.71 -2.10 0.55
N GLN B 34 -32.62 -3.21 -0.17
CA GLN B 34 -32.65 -3.15 -1.63
C GLN B 34 -34.06 -2.97 -2.17
N ALA B 35 -35.06 -3.53 -1.49
CA ALA B 35 -36.44 -3.38 -1.95
C ALA B 35 -36.86 -1.92 -2.04
N ASP B 36 -36.31 -1.05 -1.19
CA ASP B 36 -36.63 0.36 -1.22
C ASP B 36 -35.57 1.22 -1.91
N TYR B 37 -34.42 0.64 -2.28
CA TYR B 37 -33.31 1.46 -2.73
C TYR B 37 -33.60 2.15 -4.06
N PRO B 38 -34.11 1.47 -5.09
CA PRO B 38 -34.35 2.15 -6.37
C PRO B 38 -35.13 3.44 -6.24
N ASP B 39 -36.06 3.53 -5.29
CA ASP B 39 -36.78 4.78 -5.07
C ASP B 39 -35.93 5.78 -4.31
N TYR B 40 -35.48 5.41 -3.11
CA TYR B 40 -34.64 6.29 -2.30
C TYR B 40 -33.50 6.89 -3.13
N TYR B 41 -32.83 6.05 -3.92
CA TYR B 41 -31.65 6.50 -4.66
C TYR B 41 -31.99 7.67 -5.57
N PHE B 42 -33.06 7.54 -6.36
CA PHE B 42 -33.45 8.61 -7.27
C PHE B 42 -34.01 9.83 -6.53
N ARG B 43 -34.67 9.61 -5.39
CA ARG B 43 -35.28 10.74 -4.68
C ARG B 43 -34.26 11.56 -3.92
N ILE B 44 -33.09 10.98 -3.63
CA ILE B 44 -31.97 11.74 -3.07
C ILE B 44 -31.09 12.30 -4.18
N THR B 45 -30.80 11.49 -5.20
CA THR B 45 -30.06 11.98 -6.36
C THR B 45 -30.80 13.09 -7.06
N LYS B 46 -32.13 13.15 -6.92
CA LYS B 46 -32.97 14.05 -7.71
C LYS B 46 -32.86 13.68 -9.20
N SER B 47 -33.43 12.52 -9.51
CA SER B 47 -33.39 11.96 -10.86
C SER B 47 -34.76 11.41 -11.23
N GLU B 48 -35.82 12.15 -10.92
CA GLU B 48 -37.16 11.71 -11.24
C GLU B 48 -37.40 11.60 -12.74
N HIS B 49 -36.77 12.48 -13.52
CA HIS B 49 -36.99 12.48 -14.97
C HIS B 49 -36.46 11.20 -15.63
N MET B 50 -35.42 10.60 -15.06
CA MET B 50 -34.83 9.38 -15.61
C MET B 50 -35.79 8.21 -15.44
N THR B 51 -36.72 8.10 -16.39
CA THR B 51 -37.78 7.11 -16.34
C THR B 51 -37.26 5.70 -16.54
N GLU B 52 -36.78 5.40 -17.76
CA GLU B 52 -36.32 4.05 -18.04
C GLU B 52 -35.02 3.73 -17.29
N LEU B 53 -34.20 4.74 -17.04
CA LEU B 53 -33.01 4.53 -16.21
C LEU B 53 -33.39 4.02 -14.83
N LYS B 54 -34.52 4.51 -14.29
CA LYS B 54 -35.02 3.97 -13.03
C LYS B 54 -35.58 2.56 -13.21
N GLU B 55 -36.08 2.25 -14.41
CA GLU B 55 -36.58 0.90 -14.68
C GLU B 55 -35.43 -0.08 -14.86
N LYS B 56 -34.36 0.34 -15.55
CA LYS B 56 -33.17 -0.50 -15.65
C LYS B 56 -32.49 -0.67 -14.30
N PHE B 57 -32.58 0.34 -13.43
CA PHE B 57 -31.94 0.26 -12.12
C PHE B 57 -32.73 -0.57 -11.12
N ARG B 58 -34.07 -0.51 -11.19
CA ARG B 58 -34.87 -1.32 -10.27
C ARG B 58 -34.61 -2.80 -10.48
N ARG B 59 -34.72 -3.27 -11.72
CA ARG B 59 -34.43 -4.68 -11.99
C ARG B 59 -32.99 -5.04 -11.66
N MET B 60 -32.08 -4.07 -11.67
CA MET B 60 -30.71 -4.35 -11.21
C MET B 60 -30.67 -4.54 -9.70
N CYS B 61 -31.54 -3.86 -8.97
CA CYS B 61 -31.67 -4.08 -7.53
C CYS B 61 -32.38 -5.37 -7.22
N ASP B 62 -32.79 -6.11 -8.24
CA ASP B 62 -33.25 -7.48 -8.10
C ASP B 62 -32.30 -8.49 -8.71
N LYS B 63 -31.36 -8.06 -9.56
CA LYS B 63 -30.15 -8.83 -9.81
C LYS B 63 -29.45 -9.20 -8.52
N SER B 64 -29.44 -8.29 -7.55
CA SER B 64 -28.43 -8.28 -6.51
C SER B 64 -28.37 -9.61 -5.77
N MET B 65 -29.52 -10.14 -5.38
CA MET B 65 -29.60 -11.08 -4.26
C MET B 65 -29.14 -10.42 -2.96
N ILE B 66 -29.24 -9.09 -2.92
CA ILE B 66 -28.86 -8.28 -1.77
C ILE B 66 -30.14 -7.86 -1.06
N THR B 67 -30.14 -7.98 0.27
CA THR B 67 -31.26 -7.55 1.09
C THR B 67 -30.97 -6.26 1.84
N LYS B 68 -29.97 -6.26 2.71
CA LYS B 68 -29.57 -5.08 3.45
C LYS B 68 -28.14 -4.71 3.13
N ARG B 69 -27.83 -3.42 3.31
CA ARG B 69 -26.46 -2.93 3.29
C ARG B 69 -26.34 -1.78 4.28
N HIS B 70 -25.11 -1.55 4.74
CA HIS B 70 -24.83 -0.54 5.75
C HIS B 70 -24.14 0.65 5.09
N MET B 71 -24.66 1.85 5.35
CA MET B 71 -24.17 3.06 4.70
C MET B 71 -23.96 4.14 5.74
N HIS B 72 -22.70 4.57 5.91
CA HIS B 72 -22.45 5.77 6.71
C HIS B 72 -23.12 6.99 6.10
N LEU B 73 -23.26 7.01 4.77
CA LEU B 73 -23.98 8.08 4.08
C LEU B 73 -25.48 7.87 4.27
N SER B 74 -26.06 8.63 5.18
CA SER B 74 -27.48 8.51 5.47
C SER B 74 -28.28 9.50 4.62
N GLU B 75 -29.60 9.50 4.81
CA GLU B 75 -30.46 10.45 4.10
C GLU B 75 -30.16 11.88 4.51
N GLU B 76 -30.07 12.13 5.82
CA GLU B 76 -29.77 13.47 6.32
C GLU B 76 -28.46 13.99 5.76
N LEU B 77 -27.44 13.14 5.68
CA LEU B 77 -26.10 13.57 5.33
C LEU B 77 -25.92 13.84 3.84
N LEU B 78 -26.86 13.40 3.00
CA LEU B 78 -26.78 13.61 1.57
C LEU B 78 -27.50 14.87 1.08
N LYS B 79 -28.16 15.62 1.97
CA LYS B 79 -28.87 16.82 1.56
C LYS B 79 -28.09 18.10 1.81
N ASN B 80 -26.95 18.02 2.48
CA ASN B 80 -25.97 19.10 2.50
C ASN B 80 -24.78 18.80 1.60
N ASN B 81 -24.85 17.72 0.83
CA ASN B 81 -23.83 17.34 -0.14
C ASN B 81 -24.54 16.99 -1.45
N PRO B 82 -25.01 17.99 -2.19
CA PRO B 82 -25.76 17.71 -3.42
C PRO B 82 -24.90 17.16 -4.53
N ASP B 83 -23.58 17.39 -4.49
CA ASP B 83 -22.69 16.96 -5.54
C ASP B 83 -22.11 15.58 -5.29
N ILE B 84 -22.43 14.97 -4.16
CA ILE B 84 -22.21 13.54 -4.00
C ILE B 84 -23.39 12.74 -4.55
N CYS B 85 -24.54 13.37 -4.71
CA CYS B 85 -25.71 12.73 -5.31
C CYS B 85 -25.80 12.99 -6.80
N ALA B 86 -24.86 13.74 -7.37
CA ALA B 86 -24.78 13.96 -8.81
C ALA B 86 -23.81 12.97 -9.42
N TYR B 87 -23.96 12.76 -10.73
CA TYR B 87 -23.12 11.78 -11.42
C TYR B 87 -21.66 12.24 -11.46
N MET B 88 -21.40 13.40 -12.08
CA MET B 88 -20.03 13.90 -12.27
C MET B 88 -19.98 15.37 -11.83
N ALA B 89 -19.87 15.58 -10.52
CA ALA B 89 -19.72 16.90 -9.94
C ALA B 89 -18.58 16.89 -8.94
N PRO B 90 -17.75 17.94 -8.92
CA PRO B 90 -16.57 17.93 -8.05
C PRO B 90 -16.97 17.76 -6.59
N SER B 91 -16.36 16.76 -5.94
CA SER B 91 -16.67 16.49 -4.53
C SER B 91 -15.63 15.61 -3.85
N LEU B 92 -14.40 15.54 -4.37
CA LEU B 92 -13.36 14.75 -3.71
C LEU B 92 -13.16 15.17 -2.26
N ASP B 93 -13.21 16.48 -2.00
CA ASP B 93 -13.02 16.96 -0.63
C ASP B 93 -14.22 16.61 0.24
N ALA B 94 -15.44 16.86 -0.26
CA ALA B 94 -16.63 16.47 0.49
C ALA B 94 -16.66 14.97 0.76
N ARG B 95 -16.07 14.17 -0.15
CA ARG B 95 -16.04 12.72 0.04
C ARG B 95 -14.98 12.32 1.04
N GLN B 96 -13.74 12.73 0.83
CA GLN B 96 -12.63 12.19 1.62
C GLN B 96 -12.66 12.69 3.05
N ASP B 97 -13.08 13.95 3.26
CA ASP B 97 -13.25 14.44 4.63
C ASP B 97 -14.04 13.45 5.47
N MET B 98 -15.09 12.87 4.89
CA MET B 98 -15.84 11.83 5.58
C MET B 98 -14.99 10.58 5.80
N VAL B 99 -14.38 10.06 4.72
CA VAL B 99 -13.80 8.72 4.77
C VAL B 99 -12.35 8.71 5.20
N VAL B 100 -11.67 9.86 5.22
CA VAL B 100 -10.37 9.91 5.89
C VAL B 100 -10.54 9.69 7.39
N VAL B 101 -11.65 10.15 7.95
CA VAL B 101 -11.90 10.01 9.38
C VAL B 101 -12.68 8.73 9.69
N GLU B 102 -13.67 8.39 8.86
CA GLU B 102 -14.63 7.35 9.19
C GLU B 102 -14.10 5.93 8.95
N VAL B 103 -13.12 5.77 8.06
CA VAL B 103 -12.62 4.43 7.74
C VAL B 103 -11.90 3.83 8.94
N PRO B 104 -10.97 4.55 9.58
CA PRO B 104 -10.31 3.97 10.75
C PRO B 104 -11.22 3.88 11.97
N LYS B 105 -12.24 4.73 12.05
CA LYS B 105 -13.18 4.65 13.16
C LYS B 105 -13.93 3.32 13.13
N LEU B 106 -14.53 2.98 11.99
CA LEU B 106 -15.15 1.66 11.85
C LEU B 106 -14.12 0.54 11.86
N GLY B 107 -12.89 0.83 11.44
CA GLY B 107 -11.82 -0.14 11.59
C GLY B 107 -11.56 -0.49 13.04
N LYS B 108 -11.52 0.51 13.92
CA LYS B 108 -11.35 0.25 15.34
C LYS B 108 -12.46 -0.63 15.89
N GLU B 109 -13.71 -0.35 15.51
CA GLU B 109 -14.82 -1.14 16.01
C GLU B 109 -14.69 -2.60 15.63
N ALA B 110 -14.20 -2.88 14.42
CA ALA B 110 -14.03 -4.27 13.99
C ALA B 110 -12.80 -4.88 14.65
N ALA B 111 -11.68 -4.16 14.67
CA ALA B 111 -10.48 -4.66 15.29
C ALA B 111 -10.71 -4.99 16.76
N ALA B 112 -11.46 -4.12 17.47
CA ALA B 112 -11.63 -4.30 18.91
C ALA B 112 -12.31 -5.62 19.25
N LYS B 113 -13.26 -6.07 18.42
CA LYS B 113 -13.93 -7.32 18.72
C LYS B 113 -13.04 -8.52 18.43
N ALA B 114 -12.00 -8.36 17.61
CA ALA B 114 -11.03 -9.43 17.44
C ALA B 114 -10.09 -9.51 18.64
N ILE B 115 -9.59 -8.37 19.11
CA ILE B 115 -8.75 -8.36 20.30
C ILE B 115 -9.51 -8.92 21.49
N LYS B 116 -10.80 -8.59 21.61
CA LYS B 116 -11.59 -9.10 22.74
C LYS B 116 -11.73 -10.62 22.66
N GLU B 117 -12.22 -11.14 21.54
CA GLU B 117 -12.36 -12.58 21.41
C GLU B 117 -11.00 -13.26 21.46
N TRP B 118 -9.96 -12.61 20.95
CA TRP B 118 -8.61 -13.14 21.04
C TRP B 118 -8.16 -13.25 22.50
N GLY B 119 -8.30 -12.18 23.25
CA GLY B 119 -8.17 -12.24 24.69
C GLY B 119 -6.79 -11.98 25.26
N ARG B 120 -5.87 -11.43 24.48
CA ARG B 120 -4.57 -11.11 25.03
C ARG B 120 -4.36 -9.60 24.95
N PRO B 121 -3.33 -9.07 25.59
CA PRO B 121 -3.12 -7.61 25.58
C PRO B 121 -2.88 -7.10 24.16
N LYS B 122 -3.49 -5.97 23.84
CA LYS B 122 -3.25 -5.36 22.54
C LYS B 122 -1.78 -5.02 22.34
N SER B 123 -1.03 -4.84 23.43
CA SER B 123 0.40 -4.58 23.34
C SER B 123 1.19 -5.74 22.78
N ALA B 124 0.59 -6.94 22.69
CA ALA B 124 1.28 -8.10 22.17
C ALA B 124 1.21 -8.21 20.66
N ILE B 125 0.55 -7.26 20.00
CA ILE B 125 0.47 -7.25 18.54
C ILE B 125 1.73 -6.61 17.98
N THR B 126 2.39 -7.32 17.07
CA THR B 126 3.67 -6.88 16.52
C THR B 126 3.52 -6.11 15.22
N HIS B 127 2.60 -6.51 14.35
CA HIS B 127 2.40 -5.86 13.07
C HIS B 127 0.93 -5.50 12.90
N LEU B 128 0.69 -4.51 12.04
CA LEU B 128 -0.66 -4.11 11.68
C LEU B 128 -0.75 -3.96 10.17
N ILE B 129 -1.81 -4.51 9.58
CA ILE B 129 -2.04 -4.42 8.16
C ILE B 129 -3.42 -3.78 7.97
N PHE B 130 -3.43 -2.55 7.48
CA PHE B 130 -4.67 -1.84 7.16
C PHE B 130 -4.87 -1.89 5.64
N CYS B 131 -6.07 -2.25 5.21
CA CYS B 131 -6.40 -2.32 3.80
C CYS B 131 -7.70 -1.58 3.54
N THR B 132 -7.68 -0.68 2.57
CA THR B 132 -8.88 0.06 2.21
C THR B 132 -8.74 0.54 0.78
N THR B 133 -9.89 0.81 0.16
CA THR B 133 -9.94 1.43 -1.16
C THR B 133 -10.68 2.76 -1.14
N SER B 134 -11.14 3.21 0.02
CA SER B 134 -11.92 4.44 0.15
C SER B 134 -11.04 5.51 0.80
N GLY B 135 -10.45 6.35 -0.03
CA GLY B 135 -9.66 7.47 0.44
C GLY B 135 -8.20 7.12 0.69
N VAL B 136 -7.39 8.16 0.77
CA VAL B 136 -5.97 8.04 1.05
C VAL B 136 -5.53 9.29 1.81
N ASP B 137 -4.70 9.10 2.83
CA ASP B 137 -4.25 10.23 3.64
C ASP B 137 -2.85 9.96 4.17
N MET B 138 -2.18 11.04 4.59
CA MET B 138 -0.89 11.00 5.26
C MET B 138 -0.91 11.93 6.46
N PRO B 139 -0.76 11.42 7.69
CA PRO B 139 -0.52 9.99 7.94
C PRO B 139 -1.70 9.10 7.56
N GLY B 140 -1.43 7.82 7.38
CA GLY B 140 -2.44 6.90 6.90
C GLY B 140 -3.40 6.44 7.99
N ALA B 141 -4.41 5.67 7.55
CA ALA B 141 -5.37 5.10 8.49
C ALA B 141 -4.72 4.07 9.41
N ASP B 142 -3.53 3.57 9.05
CA ASP B 142 -2.79 2.72 9.98
C ASP B 142 -2.29 3.55 11.16
N PHE B 143 -1.83 4.77 10.90
CA PHE B 143 -1.53 5.68 11.99
C PHE B 143 -2.77 5.96 12.82
N GLN B 144 -3.89 6.23 12.14
CA GLN B 144 -5.13 6.56 12.87
C GLN B 144 -5.58 5.40 13.74
N LEU B 145 -5.51 4.18 13.20
CA LEU B 145 -5.99 3.03 13.96
C LEU B 145 -4.99 2.56 15.00
N THR B 146 -3.71 2.89 14.82
CA THR B 146 -2.74 2.66 15.88
C THR B 146 -3.01 3.57 17.07
N LYS B 147 -3.40 4.81 16.80
CA LYS B 147 -3.72 5.76 17.87
C LYS B 147 -5.07 5.44 18.51
N LEU B 148 -6.09 5.15 17.70
CA LEU B 148 -7.40 4.86 18.25
C LEU B 148 -7.36 3.64 19.16
N LEU B 149 -6.68 2.58 18.72
CA LEU B 149 -6.56 1.37 19.53
C LEU B 149 -5.50 1.51 20.61
N GLY B 150 -4.49 2.36 20.39
CA GLY B 150 -3.42 2.50 21.34
C GLY B 150 -2.50 1.29 21.38
N LEU B 151 -1.80 1.03 20.28
CA LEU B 151 -0.83 -0.06 20.22
C LEU B 151 0.58 0.50 20.42
N CYS B 152 1.55 -0.42 20.50
CA CYS B 152 2.92 -0.02 20.75
C CYS B 152 3.38 0.93 19.66
N PRO B 153 3.98 2.07 20.00
CA PRO B 153 4.45 3.00 18.96
C PRO B 153 5.58 2.44 18.11
N SER B 154 6.03 1.22 18.37
CA SER B 154 7.04 0.56 17.56
C SER B 154 6.45 -0.56 16.70
N VAL B 155 5.12 -0.59 16.56
CA VAL B 155 4.50 -1.61 15.73
C VAL B 155 4.94 -1.45 14.27
N ARG B 156 4.98 -2.57 13.56
CA ARG B 156 5.35 -2.58 12.14
C ARG B 156 4.08 -2.75 11.32
N ARG B 157 3.71 -1.71 10.58
CA ARG B 157 2.45 -1.65 9.86
C ARG B 157 2.68 -1.62 8.36
N THR B 158 1.74 -2.21 7.62
CA THR B 158 1.73 -2.18 6.16
C THR B 158 0.41 -1.57 5.69
N MET B 159 0.49 -0.43 5.01
CA MET B 159 -0.68 0.27 4.51
C MET B 159 -0.97 -0.13 3.07
N LEU B 160 -2.09 -0.80 2.87
CA LEU B 160 -2.53 -1.25 1.54
C LEU B 160 -3.57 -0.24 1.04
N TYR B 161 -3.09 0.80 0.36
CA TYR B 161 -3.97 1.89 -0.08
C TYR B 161 -4.42 1.65 -1.52
N GLN B 162 -5.71 1.88 -1.76
CA GLN B 162 -6.28 1.81 -3.10
C GLN B 162 -5.83 0.53 -3.82
N GLN B 163 -6.40 -0.59 -3.38
CA GLN B 163 -6.06 -1.89 -3.95
C GLN B 163 -7.17 -2.45 -4.83
N GLY B 164 -8.34 -2.72 -4.26
CA GLY B 164 -9.47 -3.21 -5.02
C GLY B 164 -10.15 -4.36 -4.31
N CYS B 165 -11.16 -4.91 -4.99
CA CYS B 165 -11.90 -6.03 -4.43
C CYS B 165 -11.02 -7.24 -4.15
N PHE B 166 -9.87 -7.35 -4.82
CA PHE B 166 -8.99 -8.51 -4.64
C PHE B 166 -8.05 -8.37 -3.45
N ALA B 167 -8.15 -7.29 -2.69
CA ALA B 167 -7.25 -7.08 -1.56
C ALA B 167 -7.59 -7.98 -0.38
N GLY B 168 -8.74 -8.66 -0.41
CA GLY B 168 -9.10 -9.57 0.65
C GLY B 168 -8.15 -10.74 0.82
N GLY B 169 -7.34 -11.03 -0.19
CA GLY B 169 -6.39 -12.12 -0.10
C GLY B 169 -4.95 -11.64 0.03
N THR B 170 -4.72 -10.37 -0.31
CA THR B 170 -3.40 -9.79 -0.12
C THR B 170 -3.04 -9.69 1.35
N VAL B 171 -4.04 -9.47 2.22
CA VAL B 171 -3.76 -9.33 3.64
C VAL B 171 -3.44 -10.68 4.27
N LEU B 172 -4.02 -11.77 3.75
CA LEU B 172 -3.59 -13.09 4.20
C LEU B 172 -2.26 -13.48 3.58
N ARG B 173 -2.06 -13.17 2.30
CA ARG B 173 -0.77 -13.43 1.67
C ARG B 173 0.34 -12.65 2.35
N LEU B 174 0.04 -11.45 2.85
CA LEU B 174 1.05 -10.66 3.53
C LEU B 174 1.19 -11.09 4.99
N ALA B 175 0.07 -11.31 5.66
CA ALA B 175 0.13 -11.75 7.06
C ALA B 175 0.88 -13.07 7.19
N LYS B 176 0.78 -13.94 6.18
CA LYS B 176 1.46 -15.23 6.26
C LYS B 176 2.98 -15.06 6.33
N ASP B 177 3.53 -14.18 5.50
CA ASP B 177 4.98 -14.01 5.46
C ASP B 177 5.49 -13.28 6.70
N LEU B 178 4.79 -12.23 7.13
CA LEU B 178 5.22 -11.47 8.29
C LEU B 178 5.24 -12.33 9.55
N ALA B 179 4.18 -13.11 9.77
CA ALA B 179 4.05 -13.87 11.00
C ALA B 179 5.05 -15.03 11.06
N GLU B 180 5.25 -15.71 9.93
CA GLU B 180 6.14 -16.88 9.91
C GLU B 180 7.61 -16.51 9.88
N ASN B 181 7.96 -15.29 9.50
CA ASN B 181 9.36 -14.87 9.41
C ASN B 181 9.82 -14.09 10.64
N ASN B 182 8.94 -13.83 11.61
CA ASN B 182 9.32 -13.17 12.85
C ASN B 182 8.70 -13.94 14.00
N ALA B 183 9.53 -14.59 14.80
CA ALA B 183 9.05 -15.53 15.80
C ALA B 183 8.27 -14.80 16.88
N GLY B 184 7.17 -15.42 17.31
CA GLY B 184 6.31 -14.82 18.31
C GLY B 184 5.55 -13.59 17.86
N ALA B 185 5.77 -13.12 16.63
CA ALA B 185 5.04 -11.96 16.16
C ALA B 185 3.56 -12.29 16.08
N ARG B 186 2.72 -11.28 16.30
CA ARG B 186 1.28 -11.44 16.18
C ARG B 186 0.78 -10.27 15.34
N VAL B 187 0.09 -10.56 14.24
CA VAL B 187 -0.26 -9.57 13.24
C VAL B 187 -1.75 -9.27 13.31
N LEU B 188 -2.08 -7.99 13.43
CA LEU B 188 -3.46 -7.53 13.34
C LEU B 188 -3.71 -6.99 11.94
N VAL B 189 -4.81 -7.41 11.34
CA VAL B 189 -5.16 -7.03 9.97
C VAL B 189 -6.57 -6.48 9.96
N VAL B 190 -6.73 -5.28 9.42
CA VAL B 190 -8.00 -4.57 9.41
C VAL B 190 -8.37 -4.26 7.96
N CYS B 191 -9.54 -4.73 7.55
CA CYS B 191 -10.12 -4.37 6.26
C CYS B 191 -11.33 -3.50 6.51
N SER B 192 -11.44 -2.39 5.78
CA SER B 192 -12.49 -1.41 6.02
C SER B 192 -12.79 -0.65 4.74
N GLU B 193 -14.06 -0.60 4.37
CA GLU B 193 -14.50 0.10 3.17
C GLU B 193 -15.71 0.95 3.51
N ILE B 194 -15.74 2.18 2.98
CA ILE B 194 -16.86 3.09 3.15
C ILE B 194 -17.28 3.59 1.78
N THR B 195 -18.49 3.22 1.37
CA THR B 195 -18.98 3.56 0.03
C THR B 195 -19.50 5.00 -0.01
N ALA B 196 -18.61 5.92 0.35
CA ALA B 196 -18.85 7.35 0.19
C ALA B 196 -18.08 7.95 -0.96
N VAL B 197 -16.80 7.59 -1.10
CA VAL B 197 -16.03 7.96 -2.28
C VAL B 197 -16.73 7.49 -3.55
N THR B 198 -17.47 6.39 -3.45
CA THR B 198 -18.10 5.78 -4.62
C THR B 198 -19.40 6.49 -5.03
N PHE B 199 -20.33 6.61 -4.10
CA PHE B 199 -21.71 7.02 -4.39
C PHE B 199 -21.77 8.14 -5.43
N ARG B 200 -22.61 7.94 -6.44
CA ARG B 200 -22.79 8.89 -7.52
C ARG B 200 -24.23 8.86 -8.00
N GLY B 201 -24.57 9.81 -8.88
CA GLY B 201 -25.86 9.83 -9.51
C GLY B 201 -25.90 9.00 -10.78
N PRO B 202 -27.11 8.67 -11.24
CA PRO B 202 -27.26 7.85 -12.45
C PRO B 202 -27.02 8.64 -13.72
N SER B 203 -26.68 7.90 -14.78
CA SER B 203 -26.49 8.46 -16.12
C SER B 203 -26.86 7.38 -17.12
N GLU B 204 -27.71 7.73 -18.09
CA GLU B 204 -28.11 6.77 -19.12
C GLU B 204 -27.04 6.56 -20.17
N THR B 205 -25.97 7.35 -20.15
CA THR B 205 -24.82 7.14 -21.02
C THR B 205 -23.68 6.42 -20.31
N HIS B 206 -23.84 6.10 -19.01
CA HIS B 206 -22.79 5.47 -18.23
C HIS B 206 -23.46 4.43 -17.31
N LEU B 207 -23.99 3.37 -17.91
CA LEU B 207 -24.65 2.33 -17.15
C LEU B 207 -23.69 1.59 -16.20
N ASP B 208 -22.38 1.67 -16.46
CA ASP B 208 -21.43 0.93 -15.65
C ASP B 208 -21.29 1.50 -14.24
N SER B 209 -21.49 2.80 -14.08
CA SER B 209 -21.42 3.38 -12.74
C SER B 209 -22.55 2.93 -11.84
N MET B 210 -23.58 2.29 -12.40
CA MET B 210 -24.76 1.92 -11.62
C MET B 210 -24.72 0.49 -11.10
N VAL B 211 -23.92 -0.40 -11.70
CA VAL B 211 -23.74 -1.72 -11.11
C VAL B 211 -23.22 -1.60 -9.69
N GLY B 212 -22.22 -0.74 -9.49
CA GLY B 212 -21.71 -0.52 -8.15
C GLY B 212 -22.74 0.08 -7.22
N GLN B 213 -23.69 0.85 -7.78
CA GLN B 213 -24.74 1.46 -6.97
C GLN B 213 -25.75 0.43 -6.47
N ALA B 214 -25.74 -0.79 -7.01
CA ALA B 214 -26.64 -1.84 -6.57
C ALA B 214 -25.93 -2.96 -5.82
N LEU B 215 -24.62 -2.83 -5.57
CA LEU B 215 -23.87 -3.90 -4.92
C LEU B 215 -23.07 -3.45 -3.71
N PHE B 216 -22.45 -2.28 -3.77
CA PHE B 216 -21.48 -1.89 -2.74
C PHE B 216 -22.17 -1.42 -1.47
N GLY B 217 -21.53 -1.71 -0.34
CA GLY B 217 -22.02 -1.28 0.95
C GLY B 217 -20.90 -1.28 1.96
N ASP B 218 -21.00 -0.39 2.96
CA ASP B 218 -19.90 -0.18 3.89
C ASP B 218 -19.68 -1.41 4.76
N GLY B 219 -18.47 -1.50 5.30
CA GLY B 219 -18.11 -2.62 6.15
C GLY B 219 -16.65 -2.64 6.52
N ALA B 220 -16.33 -3.21 7.69
CA ALA B 220 -14.96 -3.36 8.14
C ALA B 220 -14.78 -4.74 8.75
N SER B 221 -13.59 -5.31 8.58
CA SER B 221 -13.29 -6.65 9.03
C SER B 221 -11.86 -6.72 9.53
N ALA B 222 -11.62 -7.56 10.53
CA ALA B 222 -10.31 -7.68 11.15
C ALA B 222 -10.11 -9.09 11.68
N ILE B 223 -8.84 -9.51 11.71
CA ILE B 223 -8.45 -10.83 12.22
C ILE B 223 -7.08 -10.71 12.86
N ILE B 224 -6.75 -11.69 13.71
CA ILE B 224 -5.44 -11.79 14.35
C ILE B 224 -4.74 -13.01 13.78
N VAL B 225 -3.54 -12.80 13.25
CA VAL B 225 -2.76 -13.86 12.60
C VAL B 225 -1.45 -14.03 13.34
N GLY B 226 -1.11 -15.27 13.67
CA GLY B 226 0.15 -15.58 14.32
C GLY B 226 0.54 -17.01 14.08
N ALA B 227 1.81 -17.30 14.31
CA ALA B 227 2.36 -18.65 14.18
C ALA B 227 2.63 -19.23 15.56
N ASP B 228 2.65 -20.56 15.63
CA ASP B 228 2.86 -21.24 16.90
C ASP B 228 1.82 -20.80 17.92
N PRO B 229 0.56 -21.22 17.76
CA PRO B 229 -0.49 -20.79 18.70
C PRO B 229 -0.29 -21.44 20.06
N ASP B 230 -0.10 -20.62 21.09
CA ASP B 230 -0.03 -21.13 22.45
C ASP B 230 -1.35 -21.79 22.81
N PRO B 231 -1.33 -23.04 23.30
CA PRO B 231 -2.57 -23.66 23.78
C PRO B 231 -3.17 -22.90 24.96
N VAL B 232 -4.23 -23.44 25.55
CA VAL B 232 -4.82 -22.91 26.78
C VAL B 232 -5.26 -21.46 26.60
N ILE B 233 -4.37 -20.60 26.10
CA ILE B 233 -4.70 -19.19 25.91
C ILE B 233 -5.23 -18.90 24.52
N GLU B 234 -4.63 -19.49 23.49
CA GLU B 234 -4.96 -19.17 22.11
C GLU B 234 -5.73 -20.32 21.46
N ARG B 235 -6.59 -19.98 20.50
CA ARG B 235 -7.44 -20.95 19.83
C ARG B 235 -7.33 -20.74 18.32
N PRO B 236 -6.77 -21.68 17.58
CA PRO B 236 -6.62 -21.51 16.13
C PRO B 236 -7.90 -21.86 15.37
N LEU B 237 -8.22 -21.04 14.38
CA LEU B 237 -9.39 -21.25 13.54
C LEU B 237 -9.06 -21.83 12.17
N PHE B 238 -8.11 -21.22 11.46
CA PHE B 238 -7.77 -21.62 10.11
C PHE B 238 -6.28 -21.41 9.90
N GLN B 239 -5.68 -22.28 9.08
CA GLN B 239 -4.27 -22.18 8.72
C GLN B 239 -4.12 -21.61 7.31
N ILE B 240 -3.17 -20.69 7.15
CA ILE B 240 -2.83 -20.14 5.84
C ILE B 240 -1.70 -21.00 5.27
N VAL B 241 -2.02 -21.82 4.26
CA VAL B 241 -1.05 -22.76 3.72
C VAL B 241 -0.32 -22.19 2.52
N SER B 242 -1.02 -21.50 1.63
CA SER B 242 -0.39 -20.90 0.47
C SER B 242 -1.32 -19.85 -0.12
N ALA B 243 -0.73 -18.94 -0.90
CA ALA B 243 -1.50 -17.85 -1.51
C ALA B 243 -0.75 -17.35 -2.73
N ALA B 244 -1.34 -17.53 -3.91
CA ALA B 244 -0.75 -17.08 -5.16
C ALA B 244 -1.62 -15.99 -5.79
N GLN B 245 -0.97 -15.14 -6.60
CA GLN B 245 -1.64 -14.02 -7.27
C GLN B 245 -1.33 -14.09 -8.75
N THR B 246 -2.37 -14.29 -9.57
CA THR B 246 -2.21 -14.35 -11.01
C THR B 246 -3.12 -13.32 -11.69
N ILE B 247 -2.82 -13.04 -12.95
CA ILE B 247 -3.63 -12.15 -13.78
C ILE B 247 -4.25 -12.96 -14.91
N LEU B 248 -5.51 -12.66 -15.22
CA LEU B 248 -6.24 -13.38 -16.25
C LEU B 248 -5.80 -12.89 -17.63
N PRO B 249 -5.54 -13.80 -18.57
CA PRO B 249 -5.18 -13.37 -19.92
C PRO B 249 -6.32 -12.60 -20.59
N ASP B 250 -5.95 -11.51 -21.26
CA ASP B 250 -6.92 -10.64 -21.94
C ASP B 250 -7.98 -10.12 -20.98
N SER B 251 -7.53 -9.34 -20.00
CA SER B 251 -8.41 -8.73 -19.02
C SER B 251 -8.04 -7.28 -18.73
N ASP B 252 -7.04 -6.73 -19.41
CA ASP B 252 -6.58 -5.37 -19.18
C ASP B 252 -7.72 -4.39 -19.46
N GLY B 253 -8.35 -3.90 -18.40
CA GLY B 253 -9.47 -2.99 -18.51
C GLY B 253 -10.79 -3.56 -18.05
N ALA B 254 -10.83 -4.84 -17.68
CA ALA B 254 -12.08 -5.44 -17.20
C ALA B 254 -12.63 -4.65 -16.03
N ILE B 255 -11.79 -4.37 -15.05
CA ILE B 255 -12.15 -3.54 -13.90
C ILE B 255 -11.22 -2.34 -13.87
N ASP B 256 -11.79 -1.15 -13.96
CA ASP B 256 -11.04 0.10 -13.93
C ASP B 256 -11.43 0.90 -12.70
N GLY B 257 -10.51 1.76 -12.27
CA GLY B 257 -10.72 2.56 -11.09
C GLY B 257 -9.96 3.86 -11.15
N HIS B 258 -10.67 4.98 -11.18
CA HIS B 258 -10.08 6.30 -11.31
C HIS B 258 -10.48 7.15 -10.11
N LEU B 259 -9.49 7.68 -9.41
CA LEU B 259 -9.70 8.65 -8.33
C LEU B 259 -9.52 10.05 -8.93
N ARG B 260 -10.64 10.72 -9.21
CA ARG B 260 -10.68 12.02 -9.85
C ARG B 260 -10.95 13.10 -8.79
N GLU B 261 -11.09 14.36 -9.24
CA GLU B 261 -11.59 15.38 -8.32
C GLU B 261 -13.09 15.27 -8.13
N VAL B 262 -13.68 14.23 -8.72
CA VAL B 262 -15.10 13.96 -8.55
C VAL B 262 -15.36 12.74 -7.68
N GLY B 263 -14.32 12.01 -7.27
CA GLY B 263 -14.50 10.84 -6.44
C GLY B 263 -13.88 9.59 -7.03
N LEU B 264 -14.35 8.43 -6.59
CA LEU B 264 -13.84 7.16 -7.09
C LEU B 264 -14.68 6.71 -8.29
N THR B 265 -14.13 6.89 -9.49
CA THR B 265 -14.76 6.43 -10.71
C THR B 265 -14.42 4.96 -10.96
N PHE B 266 -15.43 4.16 -11.30
CA PHE B 266 -15.25 2.74 -11.50
C PHE B 266 -16.00 2.29 -12.74
N HIS B 267 -15.39 1.36 -13.49
CA HIS B 267 -15.93 0.89 -14.75
C HIS B 267 -15.75 -0.62 -14.88
N LEU B 268 -16.76 -1.27 -15.46
CA LEU B 268 -16.63 -2.62 -15.97
C LEU B 268 -16.69 -2.56 -17.50
N LEU B 269 -15.74 -3.23 -18.15
CA LEU B 269 -15.65 -3.19 -19.61
C LEU B 269 -15.67 -4.57 -20.25
N LYS B 270 -15.69 -5.63 -19.47
CA LYS B 270 -15.64 -6.99 -19.99
C LYS B 270 -16.64 -7.84 -19.23
N ASP B 271 -16.87 -9.06 -19.73
CA ASP B 271 -17.76 -10.00 -19.03
C ASP B 271 -16.96 -10.63 -17.90
N VAL B 272 -16.80 -9.86 -16.83
CA VAL B 272 -15.94 -10.25 -15.70
C VAL B 272 -16.44 -11.52 -15.04
N PRO B 273 -17.73 -11.84 -15.10
CA PRO B 273 -18.16 -13.17 -14.62
C PRO B 273 -17.54 -14.31 -15.43
N GLY B 274 -17.70 -14.27 -16.76
CA GLY B 274 -17.12 -15.31 -17.59
C GLY B 274 -15.60 -15.34 -17.56
N LEU B 275 -14.96 -14.17 -17.43
CA LEU B 275 -13.51 -14.11 -17.42
C LEU B 275 -12.91 -15.03 -16.37
N ILE B 276 -13.56 -15.16 -15.21
CA ILE B 276 -12.98 -15.92 -14.10
C ILE B 276 -13.31 -17.40 -14.20
N SER B 277 -14.58 -17.74 -14.46
CA SER B 277 -14.93 -19.14 -14.52
C SER B 277 -14.26 -19.83 -15.71
N LYS B 278 -13.90 -19.05 -16.73
CA LYS B 278 -13.10 -19.55 -17.85
C LYS B 278 -11.69 -19.87 -17.43
N ASN B 279 -11.20 -19.29 -16.34
CA ASN B 279 -9.82 -19.45 -15.90
C ASN B 279 -9.69 -20.04 -14.50
N ILE B 280 -10.79 -20.18 -13.76
CA ILE B 280 -10.70 -20.52 -12.35
C ILE B 280 -10.24 -21.95 -12.11
N GLU B 281 -10.30 -22.81 -13.13
CA GLU B 281 -9.80 -24.18 -12.97
C GLU B 281 -8.29 -24.25 -13.00
N LYS B 282 -7.62 -23.39 -13.78
CA LYS B 282 -6.17 -23.41 -13.84
C LYS B 282 -5.52 -22.95 -12.54
N SER B 283 -6.23 -22.15 -11.74
CA SER B 283 -5.69 -21.73 -10.45
C SER B 283 -5.94 -22.76 -9.35
N LEU B 284 -7.01 -23.56 -9.49
CA LEU B 284 -7.27 -24.59 -8.50
C LEU B 284 -6.26 -25.73 -8.60
N LYS B 285 -5.86 -26.09 -9.83
CA LYS B 285 -5.01 -27.25 -10.03
C LYS B 285 -3.59 -26.99 -9.54
N GLU B 286 -3.05 -25.80 -9.82
CA GLU B 286 -1.74 -25.44 -9.29
C GLU B 286 -1.67 -25.63 -7.78
N ALA B 287 -2.78 -25.37 -7.09
CA ALA B 287 -2.83 -25.40 -5.63
C ALA B 287 -3.13 -26.78 -5.07
N PHE B 288 -4.01 -27.54 -5.73
CA PHE B 288 -4.49 -28.79 -5.16
C PHE B 288 -3.98 -30.03 -5.87
N ALA B 289 -3.44 -29.89 -7.09
CA ALA B 289 -2.78 -31.03 -7.71
C ALA B 289 -1.60 -31.53 -6.88
N PRO B 290 -0.79 -30.66 -6.25
CA PRO B 290 0.29 -31.17 -5.39
C PRO B 290 -0.20 -31.88 -4.15
N LEU B 291 -1.52 -31.95 -3.92
CA LEU B 291 -2.07 -32.72 -2.83
C LEU B 291 -3.04 -33.81 -3.30
N GLY B 292 -3.18 -33.99 -4.61
CA GLY B 292 -4.03 -35.05 -5.13
C GLY B 292 -5.51 -34.85 -4.84
N ILE B 293 -6.01 -33.65 -5.10
CA ILE B 293 -7.41 -33.32 -4.87
C ILE B 293 -8.01 -32.81 -6.18
N ASP B 294 -9.04 -33.49 -6.65
CA ASP B 294 -9.74 -33.14 -7.89
C ASP B 294 -11.20 -32.78 -7.65
N ASP B 295 -11.92 -33.59 -6.90
CA ASP B 295 -13.30 -33.28 -6.55
C ASP B 295 -13.35 -31.99 -5.75
N TRP B 296 -14.00 -30.97 -6.32
CA TRP B 296 -14.04 -29.65 -5.68
C TRP B 296 -15.26 -29.46 -4.81
N ASN B 297 -16.01 -30.53 -4.51
CA ASN B 297 -16.95 -30.54 -3.41
C ASN B 297 -16.34 -31.12 -2.15
N SER B 298 -15.10 -31.60 -2.23
CA SER B 298 -14.33 -32.04 -1.08
C SER B 298 -13.65 -30.89 -0.35
N ILE B 299 -13.84 -29.66 -0.83
CA ILE B 299 -13.23 -28.47 -0.24
C ILE B 299 -14.34 -27.59 0.32
N PHE B 300 -13.98 -26.73 1.28
CA PHE B 300 -14.84 -25.65 1.70
C PHE B 300 -14.44 -24.39 0.95
N TRP B 301 -15.44 -23.63 0.51
CA TRP B 301 -15.23 -22.55 -0.44
C TRP B 301 -15.51 -21.19 0.19
N ILE B 302 -14.68 -20.21 -0.13
CA ILE B 302 -14.91 -18.82 0.23
C ILE B 302 -14.49 -17.95 -0.94
N VAL B 303 -15.46 -17.26 -1.54
CA VAL B 303 -15.23 -16.49 -2.75
C VAL B 303 -15.69 -15.06 -2.51
N HIS B 304 -14.87 -14.10 -2.92
CA HIS B 304 -15.27 -12.71 -2.85
C HIS B 304 -16.49 -12.48 -3.73
N PRO B 305 -17.64 -12.11 -3.16
CA PRO B 305 -18.87 -11.94 -3.96
C PRO B 305 -18.91 -10.61 -4.70
N GLY B 306 -18.17 -10.55 -5.81
CA GLY B 306 -18.24 -9.37 -6.67
C GLY B 306 -19.61 -9.15 -7.25
N GLY B 307 -20.46 -10.18 -7.24
CA GLY B 307 -21.79 -10.09 -7.79
C GLY B 307 -22.43 -11.46 -7.90
N PRO B 308 -23.76 -11.52 -7.95
CA PRO B 308 -24.43 -12.82 -8.04
C PRO B 308 -24.05 -13.59 -9.28
N ALA B 309 -23.68 -12.90 -10.36
CA ALA B 309 -23.32 -13.59 -11.60
C ALA B 309 -22.06 -14.43 -11.42
N ILE B 310 -21.06 -13.89 -10.71
CA ILE B 310 -19.81 -14.60 -10.55
C ILE B 310 -20.02 -15.88 -9.74
N LEU B 311 -20.81 -15.80 -8.68
CA LEU B 311 -21.08 -16.99 -7.88
C LEU B 311 -21.86 -18.04 -8.66
N ASP B 312 -22.76 -17.60 -9.55
CA ASP B 312 -23.53 -18.54 -10.34
C ASP B 312 -22.71 -19.14 -11.47
N GLN B 313 -21.90 -18.32 -12.14
CA GLN B 313 -21.16 -18.82 -13.29
C GLN B 313 -20.00 -19.71 -12.85
N VAL B 314 -19.44 -19.49 -11.66
CA VAL B 314 -18.41 -20.37 -11.15
C VAL B 314 -19.02 -21.64 -10.54
N GLU B 315 -20.25 -21.55 -10.04
CA GLU B 315 -20.95 -22.74 -9.58
C GLU B 315 -21.26 -23.68 -10.74
N ALA B 316 -21.74 -23.14 -11.85
CA ALA B 316 -22.08 -23.98 -13.00
C ALA B 316 -20.82 -24.51 -13.68
N LYS B 317 -19.86 -23.61 -13.96
CA LYS B 317 -18.61 -24.03 -14.58
C LYS B 317 -18.01 -25.24 -13.89
N LEU B 318 -18.07 -25.28 -12.56
CA LEU B 318 -17.45 -26.34 -11.78
C LEU B 318 -18.45 -27.36 -11.23
N ARG B 319 -19.75 -27.10 -11.35
CA ARG B 319 -20.78 -28.01 -10.84
C ARG B 319 -20.64 -28.22 -9.34
N LEU B 320 -20.56 -27.10 -8.60
CA LEU B 320 -20.49 -27.19 -7.15
C LEU B 320 -21.88 -27.37 -6.56
N LYS B 321 -21.92 -28.04 -5.41
CA LYS B 321 -23.18 -28.21 -4.70
C LYS B 321 -23.65 -26.87 -4.14
N VAL B 322 -24.93 -26.84 -3.77
CA VAL B 322 -25.51 -25.60 -3.25
C VAL B 322 -24.85 -25.19 -1.95
N GLU B 323 -24.43 -26.15 -1.13
CA GLU B 323 -23.91 -25.84 0.19
C GLU B 323 -22.54 -25.17 0.15
N LYS B 324 -21.80 -25.31 -0.96
CA LYS B 324 -20.41 -24.85 -0.97
C LYS B 324 -20.31 -23.34 -0.84
N LEU B 325 -21.06 -22.60 -1.66
CA LEU B 325 -21.04 -21.15 -1.61
C LEU B 325 -22.20 -20.57 -0.79
N LYS B 326 -22.72 -21.33 0.18
CA LYS B 326 -23.82 -20.83 1.00
C LYS B 326 -23.35 -19.68 1.89
N THR B 327 -22.25 -19.87 2.61
CA THR B 327 -21.74 -18.78 3.44
C THR B 327 -21.32 -17.58 2.60
N THR B 328 -20.85 -17.83 1.38
CA THR B 328 -20.48 -16.71 0.51
C THR B 328 -21.71 -15.93 0.08
N ARG B 329 -22.84 -16.62 -0.15
CA ARG B 329 -24.07 -15.95 -0.55
C ARG B 329 -24.81 -15.36 0.63
N THR B 330 -24.64 -15.91 1.82
CA THR B 330 -25.31 -15.35 3.00
C THR B 330 -24.77 -13.96 3.30
N VAL B 331 -23.46 -13.77 3.22
CA VAL B 331 -22.86 -12.47 3.54
C VAL B 331 -23.24 -11.43 2.50
N LEU B 332 -23.15 -11.80 1.21
CA LEU B 332 -23.55 -10.87 0.16
C LEU B 332 -25.03 -10.48 0.27
N SER B 333 -25.83 -11.32 0.92
CA SER B 333 -27.25 -11.01 1.13
C SER B 333 -27.45 -9.98 2.23
N GLU B 334 -26.67 -10.09 3.31
CA GLU B 334 -26.89 -9.30 4.50
C GLU B 334 -25.88 -8.16 4.64
N TYR B 335 -25.19 -7.81 3.56
CA TYR B 335 -24.10 -6.83 3.63
C TYR B 335 -23.82 -6.14 2.30
N GLY B 336 -24.22 -6.77 1.20
CA GLY B 336 -23.80 -6.29 -0.10
C GLY B 336 -22.35 -6.68 -0.38
N ASN B 337 -21.74 -5.97 -1.32
CA ASN B 337 -20.34 -6.17 -1.68
C ASN B 337 -19.49 -5.16 -0.91
N MET B 338 -18.78 -5.62 0.11
CA MET B 338 -17.93 -4.76 0.94
C MET B 338 -16.47 -4.78 0.48
N SER B 339 -16.24 -5.01 -0.81
CA SER B 339 -14.91 -4.93 -1.43
C SER B 339 -13.96 -5.87 -0.67
N SER B 340 -12.84 -5.39 -0.13
CA SER B 340 -11.85 -6.29 0.44
C SER B 340 -12.33 -6.91 1.74
N ALA B 341 -13.02 -6.12 2.58
CA ALA B 341 -13.47 -6.63 3.88
C ALA B 341 -14.44 -7.79 3.73
N CYS B 342 -15.06 -7.94 2.56
CA CYS B 342 -16.16 -8.89 2.42
C CYS B 342 -15.67 -10.33 2.56
N VAL B 343 -14.48 -10.63 2.03
CA VAL B 343 -13.94 -11.99 2.13
C VAL B 343 -13.86 -12.43 3.59
N LEU B 344 -13.27 -11.60 4.44
CA LEU B 344 -13.05 -12.00 5.82
C LEU B 344 -14.35 -12.19 6.58
N PHE B 345 -15.41 -11.46 6.21
CA PHE B 345 -16.73 -11.72 6.77
C PHE B 345 -17.12 -13.17 6.58
N ILE B 346 -16.94 -13.70 5.36
CA ILE B 346 -17.41 -15.05 5.04
C ILE B 346 -16.69 -16.07 5.92
N LEU B 347 -15.38 -15.92 6.09
CA LEU B 347 -14.64 -16.88 6.90
C LEU B 347 -15.12 -16.88 8.35
N ASP B 348 -15.69 -15.75 8.80
CA ASP B 348 -16.32 -15.72 10.12
C ASP B 348 -17.68 -16.40 10.08
N GLU B 349 -18.50 -16.09 9.07
CA GLU B 349 -19.81 -16.72 8.92
C GLU B 349 -19.69 -18.23 8.78
N MET B 350 -18.55 -18.74 8.31
CA MET B 350 -18.41 -20.18 8.11
C MET B 350 -18.01 -20.90 9.40
N ARG B 351 -17.08 -20.31 10.16
CA ARG B 351 -16.68 -20.96 11.41
C ARG B 351 -17.81 -20.92 12.43
N ARG B 352 -18.57 -19.82 12.45
CA ARG B 352 -19.75 -19.75 13.30
C ARG B 352 -20.82 -20.73 12.82
N ASN B 353 -20.89 -20.97 11.51
CA ASN B 353 -21.84 -21.95 10.99
C ASN B 353 -21.41 -23.37 11.31
N SER B 354 -20.12 -23.67 11.12
CA SER B 354 -19.63 -25.01 11.40
C SER B 354 -19.81 -25.37 12.87
N MET B 355 -19.48 -24.44 13.76
CA MET B 355 -19.61 -24.68 15.19
C MET B 355 -21.04 -25.06 15.55
N GLU B 356 -22.01 -24.25 15.11
CA GLU B 356 -23.40 -24.43 15.49
C GLU B 356 -23.97 -25.73 14.94
N GLU B 357 -23.76 -26.01 13.65
CA GLU B 357 -24.35 -27.19 13.02
C GLU B 357 -23.63 -28.48 13.45
N GLY B 358 -22.85 -28.40 14.52
CA GLY B 358 -22.18 -29.58 15.02
C GLY B 358 -21.15 -30.17 14.10
N LYS B 359 -20.62 -29.39 13.16
CA LYS B 359 -19.57 -29.88 12.28
C LYS B 359 -18.35 -30.30 13.09
N ALA B 360 -17.65 -31.31 12.58
CA ALA B 360 -16.42 -31.77 13.22
C ALA B 360 -15.25 -30.81 13.01
N THR B 361 -15.40 -29.84 12.12
CA THR B 361 -14.30 -28.95 11.75
C THR B 361 -14.85 -27.61 11.29
N THR B 362 -14.14 -26.53 11.64
CA THR B 362 -14.55 -25.19 11.24
C THR B 362 -14.93 -25.10 9.76
N GLY B 363 -14.24 -25.85 8.91
CA GLY B 363 -14.50 -25.78 7.49
C GLY B 363 -15.66 -26.66 7.04
N GLU B 364 -16.83 -26.45 7.67
CA GLU B 364 -18.04 -27.20 7.36
C GLU B 364 -17.82 -28.71 7.43
N GLY B 365 -16.81 -29.16 8.16
CA GLY B 365 -16.49 -30.56 8.29
C GLY B 365 -15.36 -31.03 7.40
N LEU B 366 -15.06 -30.31 6.33
CA LEU B 366 -13.97 -30.70 5.44
C LEU B 366 -12.64 -30.20 6.00
N HIS B 367 -11.55 -30.56 5.34
CA HIS B 367 -10.22 -30.27 5.84
C HIS B 367 -9.50 -29.17 5.08
N TRP B 368 -9.49 -29.22 3.75
CA TRP B 368 -8.87 -28.19 2.94
C TRP B 368 -9.94 -27.23 2.40
N GLY B 369 -9.49 -26.02 2.06
CA GLY B 369 -10.43 -25.00 1.62
C GLY B 369 -9.75 -23.94 0.78
N VAL B 370 -10.57 -23.16 0.08
CA VAL B 370 -10.09 -22.14 -0.85
C VAL B 370 -10.68 -20.80 -0.47
N LEU B 371 -9.91 -19.74 -0.73
CA LEU B 371 -10.36 -18.37 -0.56
C LEU B 371 -10.04 -17.61 -1.83
N PHE B 372 -10.99 -16.82 -2.32
CA PHE B 372 -10.91 -16.22 -3.64
C PHE B 372 -11.23 -14.73 -3.61
N GLY B 373 -10.42 -13.95 -4.30
CA GLY B 373 -10.65 -12.53 -4.47
C GLY B 373 -10.40 -12.10 -5.90
N PHE B 374 -11.22 -11.19 -6.42
CA PHE B 374 -11.15 -10.75 -7.81
C PHE B 374 -11.32 -9.25 -7.87
N GLY B 375 -10.31 -8.56 -8.38
CA GLY B 375 -10.35 -7.12 -8.50
C GLY B 375 -9.70 -6.61 -9.77
N PRO B 376 -9.37 -5.33 -9.80
CA PRO B 376 -8.73 -4.75 -10.99
C PRO B 376 -7.52 -5.58 -11.42
N GLY B 377 -7.43 -5.83 -12.72
CA GLY B 377 -6.34 -6.63 -13.26
C GLY B 377 -6.57 -7.07 -14.69
N LEU B 378 -7.46 -8.05 -14.89
CA LEU B 378 -8.20 -8.65 -13.79
C LEU B 378 -7.29 -9.60 -13.00
N THR B 379 -7.06 -9.26 -11.73
CA THR B 379 -6.17 -10.03 -10.86
C THR B 379 -6.99 -10.99 -9.99
N VAL B 380 -6.44 -12.18 -9.78
CA VAL B 380 -7.10 -13.22 -9.00
C VAL B 380 -6.13 -13.71 -7.93
N GLU B 381 -6.52 -13.58 -6.66
CA GLU B 381 -5.74 -14.09 -5.55
C GLU B 381 -6.39 -15.38 -5.04
N THR B 382 -5.60 -16.46 -4.98
CA THR B 382 -6.08 -17.76 -4.56
C THR B 382 -5.25 -18.23 -3.38
N VAL B 383 -5.87 -18.29 -2.21
CA VAL B 383 -5.22 -18.72 -0.98
C VAL B 383 -5.84 -20.06 -0.57
N VAL B 384 -4.99 -21.06 -0.36
CA VAL B 384 -5.44 -22.36 0.12
C VAL B 384 -5.45 -22.32 1.64
N LEU B 385 -6.55 -22.77 2.23
CA LEU B 385 -6.72 -22.79 3.67
C LEU B 385 -6.87 -24.22 4.17
N HIS B 386 -6.53 -24.42 5.43
CA HIS B 386 -6.78 -25.69 6.12
C HIS B 386 -7.59 -25.42 7.37
N SER B 387 -8.54 -26.30 7.65
CA SER B 387 -9.47 -26.13 8.75
C SER B 387 -8.96 -26.83 10.02
N LEU B 388 -9.58 -26.50 11.15
CA LEU B 388 -9.20 -27.05 12.44
C LEU B 388 -10.42 -27.58 13.17
N PRO B 389 -10.24 -28.55 14.07
CA PRO B 389 -11.38 -29.26 14.65
C PRO B 389 -12.22 -28.35 15.53
N ILE B 390 -13.42 -28.84 15.84
CA ILE B 390 -14.44 -28.07 16.56
C ILE B 390 -14.42 -26.61 16.16
#